data_3S52
#
_entry.id   3S52
#
_cell.length_a   61.169
_cell.length_b   92.143
_cell.length_c   157.950
_cell.angle_alpha   90.00
_cell.angle_beta   90.00
_cell.angle_gamma   90.00
#
_symmetry.space_group_name_H-M   'P 21 21 21'
#
loop_
_entity.id
_entity.type
_entity.pdbx_description
1 polymer 'Putative fumarylacetoacetate hydrolase family protein'
2 non-polymer 'SULFATE ION'
3 non-polymer 'CHLORIDE ION'
4 water water
#
_entity_poly.entity_id   1
_entity_poly.type   'polypeptide(L)'
_entity_poly.pdbx_seq_one_letter_code
;SNA(MSE)YQHRDWQGALLDFPVNKVVCVGSNYAEHIKE(MSE)GSTASVEPVLFIKPETALCDIRQPVSIPKDFGSVHH
EIELAVLIGTPLKQASEDRVARAIAGYGVALDLTLRELQAGFKKAGQPWEKAKAFDGSCPISGFIPVAEFGDAQQADLSL
TINGEIRQQGNTRD(MSE)ITPIIPLISY(MSE)SRFFTLRAGDIVLTGTPQGVGP(MSE)QSGD(MSE)LKI(MSE)LN
GKTVNTRII
;
_entity_poly.pdbx_strand_id   A,B,C,D
#
loop_
_chem_comp.id
_chem_comp.type
_chem_comp.name
_chem_comp.formula
CL non-polymer 'CHLORIDE ION' 'Cl -1'
SO4 non-polymer 'SULFATE ION' 'O4 S -2'
#
# COMPACT_ATOMS: atom_id res chain seq x y z
N MSE A 4 -32.93 16.18 -3.79
CA MSE A 4 -31.84 15.32 -3.34
C MSE A 4 -32.34 13.97 -2.78
O MSE A 4 -33.37 13.88 -2.11
CB MSE A 4 -30.96 16.06 -2.32
CG MSE A 4 -29.90 15.19 -1.68
SE MSE A 4 -28.90 16.16 -0.33
CE MSE A 4 -28.30 17.61 -1.49
N TYR A 5 -31.59 12.93 -3.08
CA TYR A 5 -31.88 11.60 -2.57
C TYR A 5 -31.86 11.56 -1.05
N GLN A 6 -32.74 10.76 -0.47
CA GLN A 6 -32.68 10.45 0.96
C GLN A 6 -32.67 8.93 1.20
N HIS A 7 -31.88 8.48 2.17
CA HIS A 7 -31.85 7.06 2.53
C HIS A 7 -33.20 6.65 3.06
N ARG A 8 -33.61 5.43 2.77
CA ARG A 8 -34.89 4.92 3.24
C ARG A 8 -34.78 3.46 3.65
N ASP A 9 -35.66 3.01 4.55
CA ASP A 9 -35.70 1.57 4.79
C ASP A 9 -36.57 0.86 3.74
N TRP A 10 -36.64 -0.47 3.82
CA TRP A 10 -37.38 -1.21 2.80
C TRP A 10 -38.83 -0.73 2.72
N GLN A 11 -39.40 -0.36 3.86
CA GLN A 11 -40.78 0.08 3.93
C GLN A 11 -41.00 1.49 3.39
N GLY A 12 -39.91 2.22 3.16
CA GLY A 12 -40.04 3.58 2.65
C GLY A 12 -39.84 4.65 3.69
N ALA A 13 -39.57 4.23 4.93
CA ALA A 13 -39.33 5.20 6.00
C ALA A 13 -37.99 5.90 5.82
N LEU A 14 -37.99 7.20 6.00
CA LEU A 14 -36.76 7.98 5.97
C LEU A 14 -35.78 7.53 7.05
N LEU A 15 -34.51 7.46 6.69
CA LEU A 15 -33.44 7.13 7.63
C LEU A 15 -32.64 8.40 7.86
N ASP A 16 -31.97 8.48 9.01
CA ASP A 16 -31.36 9.72 9.43
C ASP A 16 -29.87 9.88 9.13
N PHE A 17 -29.25 8.92 8.43
CA PHE A 17 -27.85 9.03 8.08
C PHE A 17 -27.68 10.11 7.03
N PRO A 18 -26.54 10.82 7.04
CA PRO A 18 -26.20 11.76 5.95
C PRO A 18 -26.00 11.07 4.59
N VAL A 19 -26.14 11.83 3.52
CA VAL A 19 -25.89 11.32 2.19
C VAL A 19 -24.67 12.06 1.67
N ASN A 20 -23.65 11.31 1.24
CA ASN A 20 -22.48 11.95 0.62
C ASN A 20 -22.04 11.30 -0.67
N LYS A 21 -21.54 10.07 -0.56
CA LYS A 21 -20.98 9.40 -1.73
C LYS A 21 -21.27 7.91 -1.77
N VAL A 22 -20.97 7.31 -2.91
CA VAL A 22 -21.10 5.88 -3.15
C VAL A 22 -19.74 5.40 -3.68
N VAL A 23 -19.10 4.47 -2.98
CA VAL A 23 -17.80 3.92 -3.41
C VAL A 23 -18.09 2.56 -4.01
N CYS A 24 -17.54 2.31 -5.18
CA CYS A 24 -17.98 1.20 -6.01
C CYS A 24 -16.80 0.39 -6.45
N VAL A 25 -17.03 -0.88 -6.75
CA VAL A 25 -15.96 -1.72 -7.26
C VAL A 25 -16.29 -2.23 -8.67
N GLY A 26 -15.32 -2.15 -9.58
CA GLY A 26 -15.50 -2.74 -10.91
C GLY A 26 -14.86 -4.11 -10.99
N SER A 27 -15.26 -4.91 -11.97
CA SER A 27 -14.62 -6.20 -12.20
C SER A 27 -14.58 -7.05 -10.95
N ASN A 28 -15.69 -7.13 -10.21
CA ASN A 28 -15.73 -7.99 -9.01
C ASN A 28 -16.41 -9.38 -9.13
N TYR A 29 -16.85 -9.74 -10.33
CA TYR A 29 -17.38 -11.09 -10.60
C TYR A 29 -16.73 -11.62 -11.88
N ALA A 30 -16.19 -12.83 -11.82
CA ALA A 30 -15.42 -13.37 -12.95
C ALA A 30 -16.20 -13.44 -14.27
N GLU A 31 -17.46 -13.86 -14.20
CA GLU A 31 -18.27 -13.95 -15.41
C GLU A 31 -18.58 -12.58 -16.03
N HIS A 32 -18.59 -11.54 -15.20
CA HIS A 32 -18.77 -10.20 -15.72
C HIS A 32 -17.47 -9.71 -16.36
N ILE A 33 -16.35 -9.99 -15.73
CA ILE A 33 -15.08 -9.67 -16.33
C ILE A 33 -14.96 -10.30 -17.73
N LYS A 34 -15.48 -11.50 -17.87
CA LYS A 34 -15.38 -12.26 -19.12
C LYS A 34 -16.24 -11.64 -20.24
N GLU A 35 -17.46 -11.21 -19.89
CA GLU A 35 -18.37 -10.62 -20.88
C GLU A 35 -17.96 -9.19 -21.28
N MSE A 36 -17.18 -8.52 -20.42
CA MSE A 36 -16.61 -7.21 -20.77
C MSE A 36 -15.30 -7.35 -21.54
O MSE A 36 -14.66 -6.35 -21.89
CB MSE A 36 -16.34 -6.37 -19.51
CG MSE A 36 -17.57 -6.12 -18.63
SE MSE A 36 -18.87 -4.93 -19.50
CE MSE A 36 -18.07 -3.22 -19.01
N GLY A 37 -14.87 -8.59 -21.79
CA GLY A 37 -13.61 -8.83 -22.50
C GLY A 37 -12.37 -8.35 -21.75
N SER A 38 -12.50 -8.11 -20.46
CA SER A 38 -11.36 -7.65 -19.68
C SER A 38 -10.72 -8.75 -18.84
N THR A 39 -9.80 -8.37 -17.97
CA THR A 39 -9.23 -9.30 -17.01
C THR A 39 -9.28 -8.71 -15.61
N ALA A 40 -9.10 -9.56 -14.61
CA ALA A 40 -9.09 -9.12 -13.23
C ALA A 40 -7.89 -8.20 -12.93
N SER A 41 -8.00 -7.45 -11.83
CA SER A 41 -6.94 -6.54 -11.44
C SER A 41 -6.32 -7.06 -10.15
N VAL A 42 -5.06 -6.73 -9.88
CA VAL A 42 -4.44 -7.26 -8.68
C VAL A 42 -5.19 -6.76 -7.47
N GLU A 43 -5.50 -5.47 -7.46
CA GLU A 43 -6.27 -4.86 -6.38
C GLU A 43 -7.61 -4.35 -6.89
N PRO A 44 -8.60 -4.25 -6.00
CA PRO A 44 -9.94 -3.86 -6.41
C PRO A 44 -9.91 -2.58 -7.23
N VAL A 45 -10.70 -2.58 -8.30
CA VAL A 45 -10.92 -1.40 -9.12
C VAL A 45 -11.97 -0.53 -8.45
N LEU A 46 -11.60 0.69 -8.10
CA LEU A 46 -12.47 1.56 -7.30
C LEU A 46 -12.87 2.81 -8.08
N PHE A 47 -14.15 3.17 -8.01
CA PHE A 47 -14.57 4.47 -8.50
C PHE A 47 -15.70 4.94 -7.60
N ILE A 48 -16.18 6.15 -7.82
CA ILE A 48 -17.11 6.75 -6.86
C ILE A 48 -18.24 7.46 -7.61
N LYS A 49 -19.45 7.43 -7.05
CA LYS A 49 -20.56 8.21 -7.57
C LYS A 49 -20.94 9.26 -6.52
N PRO A 50 -21.36 10.45 -6.98
CA PRO A 50 -21.66 11.51 -6.01
C PRO A 50 -23.12 11.46 -5.58
N GLU A 51 -23.51 12.31 -4.65
CA GLU A 51 -24.89 12.36 -4.18
C GLU A 51 -25.88 12.57 -5.34
N THR A 52 -25.47 13.36 -6.34
CA THR A 52 -26.35 13.60 -7.49
C THR A 52 -26.65 12.37 -8.35
N ALA A 53 -25.91 11.29 -8.14
CA ALA A 53 -26.17 10.04 -8.89
C ALA A 53 -27.35 9.28 -8.25
N LEU A 54 -27.51 9.46 -6.94
CA LEU A 54 -28.45 8.66 -6.17
C LEU A 54 -29.91 9.05 -6.37
N CYS A 55 -30.78 8.05 -6.47
CA CYS A 55 -32.21 8.27 -6.55
C CYS A 55 -32.98 7.04 -6.07
N ASP A 56 -34.28 7.21 -5.83
CA ASP A 56 -35.12 6.13 -5.30
C ASP A 56 -35.49 5.19 -6.47
N ILE A 57 -35.02 3.95 -6.42
CA ILE A 57 -35.29 2.99 -7.48
C ILE A 57 -36.79 2.73 -7.65
N ARG A 58 -37.57 2.94 -6.60
CA ARG A 58 -38.99 2.61 -6.68
C ARG A 58 -39.76 3.60 -7.56
N GLN A 59 -39.17 4.76 -7.80
CA GLN A 59 -39.76 5.76 -8.68
C GLN A 59 -39.30 5.50 -10.11
N PRO A 60 -40.06 5.98 -11.10
CA PRO A 60 -39.57 5.83 -12.48
C PRO A 60 -38.13 6.30 -12.61
N VAL A 61 -37.34 5.54 -13.35
CA VAL A 61 -35.91 5.76 -13.45
C VAL A 61 -35.57 6.48 -14.75
N SER A 62 -35.09 7.71 -14.62
CA SER A 62 -34.70 8.52 -15.77
C SER A 62 -33.31 8.14 -16.26
N ILE A 63 -33.15 8.01 -17.58
CA ILE A 63 -31.83 7.79 -18.14
C ILE A 63 -31.54 8.86 -19.20
N PRO A 64 -30.26 9.27 -19.36
CA PRO A 64 -30.01 10.31 -20.36
C PRO A 64 -30.20 9.77 -21.78
N LYS A 65 -30.68 10.61 -22.71
CA LYS A 65 -30.90 10.17 -24.08
C LYS A 65 -29.77 10.40 -25.11
N ASP A 66 -28.81 11.28 -24.81
CA ASP A 66 -27.84 11.67 -25.86
C ASP A 66 -26.42 11.07 -25.81
N PHE A 67 -26.16 10.27 -24.79
CA PHE A 67 -24.81 9.79 -24.50
C PHE A 67 -24.50 8.36 -24.96
N GLY A 68 -25.43 7.76 -25.69
CA GLY A 68 -25.27 6.40 -26.15
C GLY A 68 -26.12 5.50 -25.28
N SER A 69 -25.91 4.20 -25.38
CA SER A 69 -26.76 3.25 -24.66
C SER A 69 -26.44 3.25 -23.17
N VAL A 70 -27.48 3.08 -22.37
CA VAL A 70 -27.36 2.98 -20.92
C VAL A 70 -27.58 1.52 -20.50
N HIS A 71 -26.60 0.96 -19.79
CA HIS A 71 -26.64 -0.44 -19.36
C HIS A 71 -26.95 -0.60 -17.87
N HIS A 72 -27.78 -1.58 -17.53
CA HIS A 72 -28.04 -1.92 -16.13
C HIS A 72 -26.88 -2.74 -15.54
N GLU A 73 -26.47 -2.45 -14.30
CA GLU A 73 -25.63 -3.38 -13.57
C GLU A 73 -26.15 -3.54 -12.15
N ILE A 74 -26.83 -4.66 -11.87
CA ILE A 74 -27.42 -4.85 -10.55
C ILE A 74 -26.31 -5.20 -9.55
N GLU A 75 -26.44 -4.71 -8.32
CA GLU A 75 -25.38 -4.87 -7.31
C GLU A 75 -25.95 -4.81 -5.92
N LEU A 76 -25.30 -5.54 -5.01
CA LEU A 76 -25.60 -5.45 -3.59
C LEU A 76 -25.03 -4.12 -3.07
N ALA A 77 -25.87 -3.33 -2.40
CA ALA A 77 -25.40 -2.08 -1.81
C ALA A 77 -25.31 -2.23 -0.29
N VAL A 78 -24.26 -1.69 0.30
CA VAL A 78 -24.02 -1.80 1.74
C VAL A 78 -24.03 -0.38 2.32
N LEU A 79 -24.81 -0.19 3.37
CA LEU A 79 -24.90 1.12 4.04
C LEU A 79 -23.95 1.14 5.23
N ILE A 80 -23.08 2.14 5.26
CA ILE A 80 -22.16 2.31 6.36
C ILE A 80 -22.83 3.13 7.47
N GLY A 81 -22.81 2.62 8.70
CA GLY A 81 -23.42 3.32 9.83
C GLY A 81 -22.44 3.97 10.79
N THR A 82 -21.15 3.67 10.62
CA THR A 82 -20.10 4.20 11.49
C THR A 82 -18.90 4.55 10.62
N PRO A 83 -18.27 5.69 10.86
CA PRO A 83 -17.22 6.10 9.93
C PRO A 83 -16.03 5.13 9.92
N LEU A 84 -15.48 4.92 8.74
CA LEU A 84 -14.35 4.01 8.60
C LEU A 84 -13.19 4.69 7.87
N LYS A 85 -12.01 4.67 8.49
CA LYS A 85 -10.80 5.16 7.82
C LYS A 85 -9.64 4.21 8.16
N GLN A 86 -9.02 3.63 7.13
CA GLN A 86 -7.95 2.66 7.35
C GLN A 86 -8.41 1.63 8.37
N ALA A 87 -9.58 1.06 8.13
CA ALA A 87 -10.23 0.21 9.13
C ALA A 87 -9.89 -1.27 8.94
N SER A 88 -9.74 -1.98 10.05
CA SER A 88 -9.52 -3.41 10.03
C SER A 88 -10.79 -4.12 9.61
N GLU A 89 -10.67 -5.37 9.19
CA GLU A 89 -11.83 -6.14 8.78
C GLU A 89 -12.87 -6.22 9.89
N ASP A 90 -12.42 -6.39 11.13
CA ASP A 90 -13.37 -6.46 12.24
C ASP A 90 -14.12 -5.14 12.49
N ARG A 91 -13.40 -4.02 12.39
CA ARG A 91 -14.06 -2.74 12.54
C ARG A 91 -15.10 -2.52 11.42
N VAL A 92 -14.74 -2.95 10.21
CA VAL A 92 -15.66 -2.86 9.07
C VAL A 92 -16.92 -3.66 9.35
N ALA A 93 -16.74 -4.92 9.72
CA ALA A 93 -17.90 -5.76 10.04
C ALA A 93 -18.89 -5.07 11.00
N ARG A 94 -18.37 -4.39 12.02
CA ARG A 94 -19.23 -3.77 13.05
C ARG A 94 -19.89 -2.49 12.56
N ALA A 95 -19.42 -1.97 11.44
CA ALA A 95 -19.85 -0.66 10.97
C ALA A 95 -21.02 -0.73 9.98
N ILE A 96 -21.35 -1.93 9.52
CA ILE A 96 -22.38 -2.06 8.48
C ILE A 96 -23.80 -1.89 9.06
N ALA A 97 -24.54 -0.93 8.53
CA ALA A 97 -25.90 -0.65 8.98
C ALA A 97 -27.01 -1.48 8.33
N GLY A 98 -26.89 -1.75 7.04
CA GLY A 98 -27.94 -2.47 6.35
C GLY A 98 -27.57 -2.78 4.92
N TYR A 99 -28.41 -3.53 4.25
CA TYR A 99 -28.11 -3.88 2.87
C TYR A 99 -29.25 -3.53 1.93
N GLY A 100 -28.91 -3.28 0.67
CA GLY A 100 -29.88 -2.84 -0.31
C GLY A 100 -29.45 -3.32 -1.68
N VAL A 101 -30.21 -2.95 -2.70
CA VAL A 101 -29.86 -3.32 -4.05
C VAL A 101 -29.89 -2.09 -4.92
N ALA A 102 -28.86 -1.92 -5.76
CA ALA A 102 -28.79 -0.78 -6.65
C ALA A 102 -28.56 -1.21 -8.10
N LEU A 103 -28.75 -0.26 -9.00
CA LEU A 103 -28.29 -0.36 -10.38
C LEU A 103 -27.14 0.62 -10.58
N ASP A 104 -25.97 0.12 -10.95
CA ASP A 104 -24.90 1.02 -11.28
C ASP A 104 -25.09 1.19 -12.78
N LEU A 105 -25.77 2.29 -13.15
CA LEU A 105 -26.08 2.54 -14.55
C LEU A 105 -24.85 3.14 -15.21
N THR A 106 -24.58 2.69 -16.42
CA THR A 106 -23.30 2.99 -17.04
C THR A 106 -23.51 3.40 -18.47
N LEU A 107 -22.83 4.45 -18.92
CA LEU A 107 -22.93 4.74 -20.34
C LEU A 107 -21.82 3.93 -20.94
N ARG A 108 -22.19 2.78 -21.48
CA ARG A 108 -21.21 1.73 -21.74
C ARG A 108 -20.29 2.11 -22.88
N GLU A 109 -20.85 2.77 -23.89
CA GLU A 109 -20.06 3.21 -25.04
C GLU A 109 -19.02 4.24 -24.62
N LEU A 110 -19.43 5.22 -23.81
CA LEU A 110 -18.47 6.20 -23.30
C LEU A 110 -17.41 5.52 -22.45
N GLN A 111 -17.84 4.69 -21.51
CA GLN A 111 -16.89 3.97 -20.67
C GLN A 111 -15.85 3.24 -21.51
N ALA A 112 -16.29 2.55 -22.55
CA ALA A 112 -15.32 1.86 -23.40
C ALA A 112 -14.31 2.82 -24.00
N GLY A 113 -14.76 4.00 -24.41
CA GLY A 113 -13.83 5.01 -24.93
C GLY A 113 -12.86 5.50 -23.87
N PHE A 114 -13.37 5.77 -22.66
CA PHE A 114 -12.52 6.20 -21.54
C PHE A 114 -11.42 5.19 -21.25
N LYS A 115 -11.78 3.89 -21.22
CA LYS A 115 -10.80 2.82 -20.98
C LYS A 115 -9.68 2.83 -22.02
N LYS A 116 -10.04 2.92 -23.30
CA LYS A 116 -9.03 2.90 -24.35
C LYS A 116 -8.14 4.15 -24.33
N ALA A 117 -8.67 5.26 -23.82
CA ALA A 117 -7.93 6.52 -23.80
C ALA A 117 -7.22 6.74 -22.47
N GLY A 118 -7.43 5.83 -21.52
CA GLY A 118 -6.91 6.02 -20.18
C GLY A 118 -7.47 7.26 -19.52
N GLN A 119 -8.78 7.48 -19.62
CA GLN A 119 -9.43 8.69 -19.11
C GLN A 119 -10.33 8.33 -17.92
N PRO A 120 -10.65 9.31 -17.07
CA PRO A 120 -11.48 9.02 -15.89
C PRO A 120 -12.88 8.59 -16.30
N TRP A 121 -13.55 7.85 -15.42
CA TRP A 121 -14.82 7.24 -15.80
C TRP A 121 -16.05 8.06 -15.44
N GLU A 122 -15.86 9.18 -14.72
CA GLU A 122 -16.99 9.91 -14.11
C GLU A 122 -18.14 10.22 -15.07
N LYS A 123 -17.83 10.65 -16.28
CA LYS A 123 -18.92 10.97 -17.20
C LYS A 123 -19.76 9.75 -17.50
N ALA A 124 -19.14 8.57 -17.55
CA ALA A 124 -19.86 7.32 -17.81
C ALA A 124 -20.53 6.69 -16.59
N LYS A 125 -19.93 6.88 -15.43
CA LYS A 125 -20.43 6.28 -14.19
C LYS A 125 -21.11 7.16 -13.14
N ALA A 126 -20.82 8.47 -13.21
CA ALA A 126 -21.21 9.42 -12.16
C ALA A 126 -22.35 10.36 -12.52
N PHE A 127 -22.90 10.21 -13.72
CA PHE A 127 -23.87 11.17 -14.24
C PHE A 127 -25.14 11.18 -13.37
N ASP A 128 -25.93 12.24 -13.47
CA ASP A 128 -27.13 12.38 -12.64
C ASP A 128 -28.01 11.14 -12.76
N GLY A 129 -28.45 10.64 -11.61
CA GLY A 129 -29.36 9.51 -11.59
C GLY A 129 -28.73 8.17 -11.97
N SER A 130 -27.41 8.07 -11.95
CA SER A 130 -26.77 6.82 -12.38
C SER A 130 -26.75 5.74 -11.29
N CYS A 131 -27.38 6.03 -10.16
CA CYS A 131 -27.41 5.05 -9.07
C CYS A 131 -28.78 5.01 -8.37
N PRO A 132 -29.78 4.48 -9.07
CA PRO A 132 -31.08 4.12 -8.48
C PRO A 132 -30.86 3.07 -7.42
N ILE A 133 -31.42 3.26 -6.24
CA ILE A 133 -31.17 2.35 -5.14
C ILE A 133 -32.45 2.11 -4.31
N SER A 134 -32.53 0.92 -3.73
CA SER A 134 -33.65 0.51 -2.88
C SER A 134 -33.51 1.08 -1.46
N GLY A 135 -34.50 0.79 -0.63
CA GLY A 135 -34.41 1.01 0.80
C GLY A 135 -33.46 -0.03 1.36
N PHE A 136 -33.03 0.16 2.60
CA PHE A 136 -32.11 -0.76 3.25
C PHE A 136 -32.80 -1.70 4.24
N ILE A 137 -32.32 -2.94 4.24
CA ILE A 137 -32.74 -3.99 5.15
C ILE A 137 -31.81 -4.08 6.36
N PRO A 138 -32.36 -4.21 7.58
CA PRO A 138 -31.48 -4.23 8.75
C PRO A 138 -30.49 -5.38 8.68
N VAL A 139 -29.28 -5.14 9.17
CA VAL A 139 -28.30 -6.21 9.30
C VAL A 139 -28.90 -7.45 9.97
N ALA A 140 -29.68 -7.23 11.03
CA ALA A 140 -30.30 -8.33 11.79
C ALA A 140 -31.26 -9.23 11.01
N GLU A 141 -31.95 -8.70 10.00
CA GLU A 141 -32.86 -9.50 9.21
C GLU A 141 -32.28 -10.00 7.89
N PHE A 142 -31.07 -9.55 7.55
CA PHE A 142 -30.58 -9.78 6.19
C PHE A 142 -29.93 -11.15 5.97
N GLY A 143 -29.38 -11.74 7.03
CA GLY A 143 -28.70 -13.01 6.89
C GLY A 143 -27.26 -12.83 6.41
N ASP A 144 -26.73 -13.87 5.77
CA ASP A 144 -25.34 -13.85 5.34
C ASP A 144 -25.26 -13.02 4.06
N ALA A 145 -24.59 -11.87 4.17
CA ALA A 145 -24.46 -10.92 3.07
C ALA A 145 -23.72 -11.50 1.86
N GLN A 146 -22.74 -12.35 2.16
CA GLN A 146 -21.91 -12.99 1.17
C GLN A 146 -22.60 -14.18 0.49
N GLN A 147 -23.90 -14.32 0.73
CA GLN A 147 -24.66 -15.41 0.13
C GLN A 147 -26.00 -14.91 -0.42
N ALA A 148 -26.11 -13.59 -0.54
CA ALA A 148 -27.32 -12.96 -1.07
C ALA A 148 -27.55 -13.12 -2.57
N ASP A 149 -28.80 -13.33 -2.96
CA ASP A 149 -29.22 -13.47 -4.34
C ASP A 149 -29.67 -12.13 -4.93
N LEU A 150 -29.28 -11.88 -6.17
CA LEU A 150 -29.68 -10.67 -6.88
C LEU A 150 -30.25 -11.09 -8.22
N SER A 151 -31.39 -10.52 -8.60
CA SER A 151 -31.96 -10.83 -9.89
C SER A 151 -32.59 -9.59 -10.50
N LEU A 152 -32.46 -9.47 -11.81
CA LEU A 152 -33.04 -8.35 -12.51
C LEU A 152 -33.78 -8.93 -13.67
N THR A 153 -35.07 -8.63 -13.74
CA THR A 153 -35.93 -9.07 -14.83
C THR A 153 -36.36 -7.81 -15.57
N ILE A 154 -36.21 -7.82 -16.89
CA ILE A 154 -36.63 -6.69 -17.70
C ILE A 154 -37.63 -7.17 -18.74
N ASN A 155 -38.81 -6.57 -18.72
CA ASN A 155 -39.93 -6.95 -19.58
C ASN A 155 -40.18 -8.46 -19.51
N GLY A 156 -40.21 -8.98 -18.30
CA GLY A 156 -40.54 -10.38 -18.08
C GLY A 156 -39.43 -11.39 -18.38
N GLU A 157 -38.26 -10.89 -18.79
CA GLU A 157 -37.14 -11.75 -19.13
C GLU A 157 -35.97 -11.57 -18.16
N ILE A 158 -35.46 -12.67 -17.62
CA ILE A 158 -34.35 -12.56 -16.67
C ILE A 158 -33.12 -12.05 -17.40
N ARG A 159 -32.51 -11.02 -16.85
CA ARG A 159 -31.35 -10.35 -17.45
C ARG A 159 -30.08 -10.63 -16.64
N GLN A 160 -30.15 -10.37 -15.35
CA GLN A 160 -29.08 -10.80 -14.45
C GLN A 160 -29.66 -11.63 -13.30
N GLN A 161 -28.98 -12.70 -12.95
CA GLN A 161 -29.31 -13.47 -11.74
C GLN A 161 -28.01 -13.98 -11.16
N GLY A 162 -27.68 -13.58 -9.93
CA GLY A 162 -26.39 -13.94 -9.39
C GLY A 162 -26.42 -14.02 -7.88
N ASN A 163 -25.26 -14.29 -7.29
CA ASN A 163 -25.19 -14.42 -5.85
C ASN A 163 -23.86 -13.86 -5.38
N THR A 164 -23.88 -13.12 -4.28
CA THR A 164 -22.66 -12.46 -3.79
C THR A 164 -21.56 -13.44 -3.37
N ARG A 165 -21.87 -14.72 -3.30
CA ARG A 165 -20.81 -15.70 -3.02
C ARG A 165 -19.77 -15.70 -4.13
N ASP A 166 -20.13 -15.14 -5.28
CA ASP A 166 -19.22 -15.16 -6.43
C ASP A 166 -18.31 -13.92 -6.47
N MSE A 167 -18.47 -13.02 -5.51
CA MSE A 167 -17.56 -11.86 -5.44
C MSE A 167 -16.11 -12.32 -5.41
O MSE A 167 -15.78 -13.24 -4.66
CB MSE A 167 -17.85 -11.00 -4.20
CG MSE A 167 -19.12 -10.18 -4.36
SE MSE A 167 -19.56 -9.09 -2.80
CE MSE A 167 -21.31 -8.52 -3.36
N ILE A 168 -15.27 -11.68 -6.20
CA ILE A 168 -13.84 -11.95 -6.21
C ILE A 168 -13.20 -11.39 -4.94
N THR A 169 -13.52 -10.14 -4.60
CA THR A 169 -13.12 -9.61 -3.31
C THR A 169 -14.38 -9.49 -2.44
N PRO A 170 -14.47 -10.28 -1.35
CA PRO A 170 -15.64 -10.31 -0.48
C PRO A 170 -15.89 -8.96 0.17
N ILE A 171 -17.11 -8.75 0.67
CA ILE A 171 -17.55 -7.46 1.19
C ILE A 171 -16.63 -6.82 2.23
N ILE A 172 -16.28 -7.56 3.26
CA ILE A 172 -15.50 -6.99 4.35
C ILE A 172 -14.08 -6.55 3.95
N PRO A 173 -13.26 -7.46 3.41
CA PRO A 173 -11.96 -6.99 2.91
C PRO A 173 -12.08 -5.88 1.85
N LEU A 174 -13.15 -5.89 1.07
CA LEU A 174 -13.31 -4.85 0.05
C LEU A 174 -13.46 -3.48 0.74
N ILE A 175 -14.35 -3.43 1.71
CA ILE A 175 -14.63 -2.17 2.37
C ILE A 175 -13.40 -1.75 3.17
N SER A 176 -12.70 -2.71 3.75
CA SER A 176 -11.48 -2.42 4.45
C SER A 176 -10.51 -1.75 3.48
N TYR A 177 -10.33 -2.37 2.32
CA TYR A 177 -9.47 -1.82 1.29
C TYR A 177 -9.86 -0.38 0.87
N MSE A 178 -11.14 -0.17 0.55
CA MSE A 178 -11.63 1.16 0.16
C MSE A 178 -11.27 2.22 1.20
O MSE A 178 -10.91 3.35 0.87
CB MSE A 178 -13.15 1.17 -0.03
CG MSE A 178 -13.66 0.33 -1.18
SE MSE A 178 -15.62 0.10 -1.07
CE MSE A 178 -15.91 -0.63 -2.90
N SER A 179 -11.39 1.87 2.46
CA SER A 179 -11.15 2.83 3.54
C SER A 179 -9.68 3.24 3.65
N ARG A 180 -8.77 2.56 2.93
CA ARG A 180 -7.37 2.97 2.93
C ARG A 180 -7.22 4.24 2.11
N PHE A 181 -8.11 4.41 1.14
CA PHE A 181 -8.11 5.56 0.24
C PHE A 181 -9.11 6.62 0.67
N PHE A 182 -10.35 6.19 0.88
CA PHE A 182 -11.45 7.11 1.18
C PHE A 182 -12.04 6.90 2.57
N THR A 183 -12.13 7.96 3.35
CA THR A 183 -12.90 7.88 4.59
C THR A 183 -14.35 7.58 4.19
N LEU A 184 -14.92 6.53 4.75
CA LEU A 184 -16.32 6.22 4.48
C LEU A 184 -17.16 6.72 5.65
N ARG A 185 -17.92 7.79 5.43
CA ARG A 185 -18.68 8.38 6.51
C ARG A 185 -19.93 7.57 6.77
N ALA A 186 -20.47 7.67 7.97
CA ALA A 186 -21.79 7.13 8.23
C ALA A 186 -22.71 7.69 7.16
N GLY A 187 -23.51 6.83 6.55
CA GLY A 187 -24.39 7.25 5.48
C GLY A 187 -23.80 7.04 4.10
N ASP A 188 -22.51 6.71 4.01
CA ASP A 188 -21.97 6.39 2.71
C ASP A 188 -22.47 5.01 2.29
N ILE A 189 -22.46 4.75 1.00
CA ILE A 189 -22.95 3.49 0.47
C ILE A 189 -21.79 2.84 -0.28
N VAL A 190 -21.70 1.51 -0.19
CA VAL A 190 -20.71 0.78 -0.95
C VAL A 190 -21.43 -0.15 -1.92
N LEU A 191 -21.04 -0.08 -3.19
CA LEU A 191 -21.56 -0.99 -4.21
C LEU A 191 -20.54 -2.08 -4.41
N THR A 192 -21.00 -3.32 -4.42
CA THR A 192 -20.10 -4.47 -4.37
C THR A 192 -19.83 -5.16 -5.73
N GLY A 193 -20.38 -4.61 -6.80
CA GLY A 193 -20.06 -5.10 -8.14
C GLY A 193 -21.21 -5.86 -8.78
N THR A 194 -21.13 -6.07 -10.08
CA THR A 194 -22.24 -6.69 -10.77
C THR A 194 -21.84 -8.05 -11.39
N PRO A 195 -22.75 -9.03 -11.32
CA PRO A 195 -22.51 -10.33 -11.95
C PRO A 195 -22.74 -10.21 -13.45
N GLN A 196 -22.64 -11.33 -14.17
CA GLN A 196 -22.77 -11.32 -15.62
C GLN A 196 -24.21 -10.95 -16.03
N GLY A 197 -24.37 -10.58 -17.30
CA GLY A 197 -25.69 -10.29 -17.82
C GLY A 197 -25.95 -8.81 -18.06
N VAL A 198 -24.93 -7.98 -17.87
CA VAL A 198 -25.10 -6.56 -18.08
C VAL A 198 -25.60 -6.27 -19.49
N GLY A 199 -26.53 -5.32 -19.61
CA GLY A 199 -27.14 -5.04 -20.89
C GLY A 199 -27.85 -3.72 -20.97
N PRO A 200 -28.29 -3.34 -22.19
CA PRO A 200 -28.90 -2.03 -22.41
C PRO A 200 -30.34 -1.97 -21.91
N MSE A 201 -30.77 -0.77 -21.53
CA MSE A 201 -32.15 -0.53 -21.20
C MSE A 201 -32.64 0.58 -22.11
O MSE A 201 -31.83 1.35 -22.62
CB MSE A 201 -32.29 -0.05 -19.77
CG MSE A 201 -31.51 -0.87 -18.78
SE MSE A 201 -32.09 -0.39 -17.00
CE MSE A 201 -31.48 1.46 -17.04
N GLN A 202 -33.95 0.68 -22.30
CA GLN A 202 -34.50 1.81 -23.02
C GLN A 202 -35.78 2.30 -22.37
N SER A 203 -36.16 3.53 -22.72
CA SER A 203 -37.37 4.12 -22.21
C SER A 203 -38.55 3.17 -22.44
N GLY A 204 -39.33 2.93 -21.39
CA GLY A 204 -40.50 2.06 -21.50
C GLY A 204 -40.30 0.67 -20.92
N ASP A 205 -39.06 0.29 -20.65
CA ASP A 205 -38.80 -1.03 -20.07
C ASP A 205 -39.36 -1.08 -18.65
N MSE A 206 -39.88 -2.26 -18.30
CA MSE A 206 -40.33 -2.53 -16.94
C MSE A 206 -39.28 -3.37 -16.23
O MSE A 206 -38.82 -4.38 -16.77
CB MSE A 206 -41.63 -3.32 -16.97
CG MSE A 206 -42.88 -2.47 -17.17
SE MSE A 206 -44.43 -3.64 -17.32
CE MSE A 206 -44.04 -4.90 -15.89
N LEU A 207 -38.91 -2.97 -15.03
CA LEU A 207 -37.90 -3.67 -14.28
C LEU A 207 -38.51 -4.33 -13.06
N LYS A 208 -38.16 -5.58 -12.83
CA LYS A 208 -38.45 -6.21 -11.54
C LYS A 208 -37.13 -6.60 -10.92
N ILE A 209 -36.86 -6.10 -9.72
CA ILE A 209 -35.57 -6.31 -9.10
C ILE A 209 -35.77 -7.07 -7.81
N MSE A 210 -34.95 -8.09 -7.58
CA MSE A 210 -35.09 -8.84 -6.35
C MSE A 210 -33.79 -9.00 -5.59
O MSE A 210 -32.72 -9.22 -6.18
CB MSE A 210 -35.70 -10.20 -6.64
CG MSE A 210 -37.22 -10.16 -6.65
SE MSE A 210 -37.96 -11.90 -7.09
CE MSE A 210 -37.99 -11.66 -9.01
N LEU A 211 -33.88 -8.86 -4.28
CA LEU A 211 -32.75 -9.02 -3.38
C LEU A 211 -33.21 -10.06 -2.39
N ASN A 212 -32.58 -11.22 -2.45
CA ASN A 212 -33.11 -12.41 -1.82
C ASN A 212 -34.59 -12.50 -2.15
N GLY A 213 -35.42 -12.71 -1.14
CA GLY A 213 -36.84 -12.87 -1.39
C GLY A 213 -37.64 -11.58 -1.47
N LYS A 214 -36.98 -10.45 -1.72
CA LYS A 214 -37.69 -9.18 -1.62
C LYS A 214 -37.64 -8.42 -2.94
N THR A 215 -38.78 -7.84 -3.31
CA THR A 215 -38.96 -7.29 -4.66
C THR A 215 -39.22 -5.78 -4.74
N VAL A 216 -38.60 -5.12 -5.70
CA VAL A 216 -38.99 -3.76 -6.08
C VAL A 216 -39.25 -3.73 -7.58
N ASN A 217 -40.23 -2.93 -7.99
CA ASN A 217 -40.59 -2.77 -9.39
C ASN A 217 -40.52 -1.33 -9.84
N THR A 218 -40.12 -1.13 -11.08
CA THR A 218 -40.07 0.22 -11.60
C THR A 218 -40.07 0.20 -13.12
N ARG A 219 -40.01 1.37 -13.71
CA ARG A 219 -40.11 1.53 -15.15
C ARG A 219 -39.07 2.55 -15.56
N ILE A 220 -38.51 2.39 -16.76
CA ILE A 220 -37.57 3.37 -17.30
C ILE A 220 -38.36 4.46 -18.02
N ILE A 221 -38.07 5.72 -17.71
CA ILE A 221 -38.88 6.84 -18.20
C ILE A 221 -38.57 8.14 -17.47
N MSE B 4 3.74 -0.54 13.90
CA MSE B 4 5.14 -0.90 14.12
C MSE B 4 5.89 0.13 14.96
O MSE B 4 5.45 1.27 15.12
CB MSE B 4 5.84 -1.10 12.76
CG MSE B 4 5.88 0.15 11.89
SE MSE B 4 6.90 -0.08 10.24
CE MSE B 4 5.83 -1.48 9.41
N TYR B 5 7.04 -0.29 15.47
CA TYR B 5 7.93 0.53 16.30
C TYR B 5 8.37 1.79 15.57
N GLN B 6 8.64 2.86 16.32
CA GLN B 6 9.23 4.06 15.72
C GLN B 6 10.50 4.46 16.44
N HIS B 7 11.47 5.03 15.70
CA HIS B 7 12.70 5.48 16.34
C HIS B 7 12.37 6.60 17.33
N ARG B 8 13.08 6.65 18.45
CA ARG B 8 12.91 7.74 19.41
C ARG B 8 14.25 8.16 19.98
N ASP B 9 14.34 9.37 20.53
CA ASP B 9 15.53 9.74 21.29
C ASP B 9 15.39 9.13 22.69
N TRP B 10 16.40 9.29 23.52
CA TRP B 10 16.40 8.59 24.81
C TRP B 10 15.16 8.93 25.61
N GLN B 11 14.70 10.18 25.51
CA GLN B 11 13.56 10.62 26.31
C GLN B 11 12.21 10.13 25.78
N GLY B 12 12.20 9.60 24.57
CA GLY B 12 10.98 9.08 23.99
C GLY B 12 10.36 9.91 22.90
N ALA B 13 11.00 11.03 22.55
CA ALA B 13 10.52 11.85 21.46
C ALA B 13 10.91 11.24 20.10
N LEU B 14 10.00 11.32 19.13
CA LEU B 14 10.23 10.69 17.82
C LEU B 14 11.34 11.37 17.02
N LEU B 15 12.22 10.54 16.46
CA LEU B 15 13.29 11.00 15.57
C LEU B 15 12.78 10.87 14.14
N ASP B 16 13.19 11.75 13.24
CA ASP B 16 12.65 11.61 11.90
C ASP B 16 13.63 10.83 11.02
N PHE B 17 13.42 9.51 11.01
CA PHE B 17 14.12 8.57 10.14
C PHE B 17 13.14 7.43 9.94
N PRO B 18 13.19 6.77 8.79
CA PRO B 18 12.30 5.62 8.66
C PRO B 18 12.87 4.38 9.36
N VAL B 19 12.09 3.32 9.35
CA VAL B 19 12.43 2.06 9.99
C VAL B 19 12.55 1.03 8.87
N ASN B 20 13.65 0.29 8.83
CA ASN B 20 13.81 -0.73 7.79
C ASN B 20 14.31 -2.08 8.29
N LYS B 21 15.57 -2.13 8.67
CA LYS B 21 16.19 -3.37 9.13
C LYS B 21 17.26 -3.12 10.20
N VAL B 22 17.69 -4.20 10.85
CA VAL B 22 18.76 -4.17 11.85
C VAL B 22 19.88 -5.12 11.36
N VAL B 23 21.08 -4.58 11.09
CA VAL B 23 22.20 -5.43 10.70
C VAL B 23 23.05 -5.75 11.93
N CYS B 24 23.38 -7.02 12.12
CA CYS B 24 23.92 -7.51 13.39
C CYS B 24 25.19 -8.29 13.22
N VAL B 25 26.05 -8.25 14.24
CA VAL B 25 27.26 -9.05 14.27
C VAL B 25 27.19 -10.13 15.35
N GLY B 26 27.70 -11.32 15.04
CA GLY B 26 27.81 -12.36 16.04
C GLY B 26 29.24 -12.42 16.58
N SER B 27 29.40 -12.99 17.78
CA SER B 27 30.71 -13.20 18.38
C SER B 27 31.64 -12.01 18.16
N ASN B 28 31.25 -10.84 18.66
CA ASN B 28 32.09 -9.65 18.54
C ASN B 28 32.88 -9.23 19.79
N TYR B 29 32.81 -10.05 20.83
CA TYR B 29 33.55 -9.82 22.07
C TYR B 29 34.29 -11.12 22.42
N ALA B 30 35.53 -11.00 22.86
CA ALA B 30 36.38 -12.17 23.09
C ALA B 30 35.77 -13.21 24.05
N GLU B 31 35.13 -12.71 25.11
CA GLU B 31 34.63 -13.53 26.21
C GLU B 31 33.33 -14.26 25.87
N HIS B 32 32.58 -13.73 24.92
CA HIS B 32 31.33 -14.34 24.49
C HIS B 32 31.57 -15.57 23.61
N ILE B 33 32.54 -15.48 22.71
CA ILE B 33 32.92 -16.61 21.87
C ILE B 33 33.28 -17.83 22.72
N SER B 41 35.58 -15.54 13.75
CA SER B 41 35.80 -16.00 12.39
C SER B 41 36.91 -15.22 11.69
N VAL B 42 37.08 -15.47 10.40
CA VAL B 42 38.04 -14.70 9.63
C VAL B 42 37.51 -13.27 9.45
N GLU B 43 36.28 -13.17 8.94
CA GLU B 43 35.60 -11.89 8.80
C GLU B 43 34.40 -11.91 9.76
N PRO B 44 33.91 -10.72 10.16
CA PRO B 44 32.75 -10.61 11.06
C PRO B 44 31.54 -11.45 10.60
N VAL B 45 30.92 -12.13 11.55
CA VAL B 45 29.68 -12.88 11.30
C VAL B 45 28.50 -11.92 11.29
N LEU B 46 27.75 -11.89 10.19
CA LEU B 46 26.64 -10.96 10.05
C LEU B 46 25.29 -11.64 9.86
N PHE B 47 24.27 -11.10 10.50
CA PHE B 47 22.90 -11.56 10.26
C PHE B 47 22.00 -10.36 10.39
N ILE B 48 20.76 -10.49 9.95
CA ILE B 48 19.90 -9.33 9.87
C ILE B 48 18.57 -9.60 10.55
N LYS B 49 17.97 -8.57 11.12
CA LYS B 49 16.64 -8.69 11.69
C LYS B 49 15.71 -7.74 10.95
N PRO B 50 14.47 -8.17 10.71
CA PRO B 50 13.57 -7.27 9.96
C PRO B 50 12.89 -6.29 10.91
N GLU B 51 12.10 -5.40 10.34
CA GLU B 51 11.38 -4.39 11.11
C GLU B 51 10.43 -5.00 12.17
N THR B 52 9.91 -6.19 11.87
CA THR B 52 8.97 -6.82 12.80
C THR B 52 9.66 -7.29 14.08
N ALA B 53 10.98 -7.32 14.06
CA ALA B 53 11.77 -7.68 15.25
C ALA B 53 11.84 -6.54 16.27
N LEU B 54 11.75 -5.30 15.79
CA LEU B 54 11.95 -4.14 16.66
C LEU B 54 10.78 -3.87 17.60
N CYS B 55 11.10 -3.41 18.80
CA CYS B 55 10.06 -2.94 19.72
C CYS B 55 10.64 -2.04 20.81
N ASP B 56 9.78 -1.30 21.48
CA ASP B 56 10.20 -0.34 22.48
C ASP B 56 10.54 -1.06 23.79
N ILE B 57 11.80 -0.97 24.20
CA ILE B 57 12.28 -1.66 25.40
C ILE B 57 11.66 -1.11 26.69
N ARG B 58 11.17 0.14 26.66
CA ARG B 58 10.52 0.72 27.84
C ARG B 58 9.21 0.00 28.13
N GLN B 59 8.66 -0.67 27.14
CA GLN B 59 7.43 -1.43 27.31
C GLN B 59 7.74 -2.86 27.77
N PRO B 60 6.73 -3.54 28.35
CA PRO B 60 6.91 -4.94 28.73
C PRO B 60 7.37 -5.76 27.53
N VAL B 61 8.38 -6.59 27.72
CA VAL B 61 8.98 -7.35 26.62
C VAL B 61 8.36 -8.73 26.47
N SER B 62 7.76 -8.96 25.31
CA SER B 62 7.13 -10.22 25.03
C SER B 62 8.16 -11.22 24.49
N ILE B 63 8.13 -12.46 24.98
CA ILE B 63 8.99 -13.51 24.43
C ILE B 63 8.17 -14.74 24.02
N PRO B 64 8.60 -15.44 22.95
CA PRO B 64 7.84 -16.64 22.53
C PRO B 64 7.94 -17.78 23.55
N LYS B 65 6.85 -18.54 23.72
CA LYS B 65 6.83 -19.64 24.70
C LYS B 65 7.15 -21.07 24.24
N ASP B 66 7.00 -21.36 22.95
CA ASP B 66 7.14 -22.73 22.44
C ASP B 66 8.46 -23.06 21.73
N PHE B 67 9.33 -22.06 21.63
CA PHE B 67 10.54 -22.14 20.81
C PHE B 67 11.82 -22.51 21.58
N GLY B 68 11.69 -22.95 22.83
CA GLY B 68 12.85 -23.26 23.64
C GLY B 68 13.25 -22.04 24.44
N SER B 69 14.36 -22.11 25.17
CA SER B 69 14.80 -20.99 26.00
C SER B 69 15.12 -19.73 25.19
N VAL B 70 14.70 -18.57 25.71
CA VAL B 70 15.00 -17.29 25.10
C VAL B 70 16.13 -16.65 25.89
N HIS B 71 17.22 -16.31 25.21
CA HIS B 71 18.38 -15.71 25.89
C HIS B 71 18.56 -14.23 25.58
N HIS B 72 19.06 -13.51 26.57
CA HIS B 72 19.36 -12.10 26.40
C HIS B 72 20.77 -11.91 25.86
N GLU B 73 20.93 -10.95 24.95
CA GLU B 73 22.25 -10.41 24.63
C GLU B 73 22.20 -8.89 24.60
N ILE B 74 22.78 -8.25 25.61
CA ILE B 74 22.76 -6.79 25.63
C ILE B 74 23.79 -6.31 24.62
N GLU B 75 23.46 -5.27 23.87
CA GLU B 75 24.35 -4.80 22.82
C GLU B 75 24.21 -3.29 22.66
N LEU B 76 25.29 -2.64 22.23
CA LEU B 76 25.22 -1.25 21.83
C LEU B 76 24.57 -1.21 20.45
N ALA B 77 23.57 -0.34 20.27
CA ALA B 77 22.93 -0.17 18.97
C ALA B 77 23.31 1.16 18.35
N VAL B 78 23.39 1.20 17.03
CA VAL B 78 23.82 2.39 16.33
C VAL B 78 22.77 2.76 15.30
N LEU B 79 22.34 4.02 15.32
CA LEU B 79 21.38 4.49 14.34
C LEU B 79 22.10 5.07 13.13
N ILE B 80 21.83 4.55 11.94
CA ILE B 80 22.39 5.13 10.72
C ILE B 80 21.55 6.33 10.27
N GLY B 81 22.19 7.49 10.10
CA GLY B 81 21.48 8.69 9.66
C GLY B 81 21.59 9.05 8.19
N THR B 82 22.49 8.38 7.47
CA THR B 82 22.74 8.67 6.07
C THR B 82 23.05 7.35 5.38
N PRO B 83 22.63 7.17 4.12
CA PRO B 83 22.80 5.83 3.52
C PRO B 83 24.26 5.45 3.28
N LEU B 84 24.58 4.19 3.58
CA LEU B 84 25.93 3.70 3.37
C LEU B 84 25.94 2.47 2.46
N LYS B 85 26.70 2.57 1.37
CA LYS B 85 26.91 1.42 0.48
C LYS B 85 28.40 1.37 0.11
N GLN B 86 29.07 0.29 0.48
CA GLN B 86 30.50 0.18 0.24
C GLN B 86 31.16 1.47 0.73
N ALA B 87 30.83 1.86 1.95
CA ALA B 87 31.29 3.14 2.48
C ALA B 87 32.64 3.03 3.18
N SER B 88 33.46 4.06 3.02
CA SER B 88 34.71 4.19 3.77
C SER B 88 34.42 4.43 5.24
N GLU B 89 35.42 4.20 6.08
CA GLU B 89 35.30 4.43 7.50
C GLU B 89 34.99 5.90 7.81
N ASP B 90 35.59 6.82 7.07
CA ASP B 90 35.28 8.26 7.20
C ASP B 90 33.82 8.57 6.90
N ARG B 91 33.29 7.99 5.83
CA ARG B 91 31.89 8.20 5.46
C ARG B 91 30.98 7.62 6.55
N VAL B 92 31.33 6.43 7.03
CA VAL B 92 30.60 5.83 8.15
C VAL B 92 30.59 6.74 9.39
N ALA B 93 31.75 7.29 9.74
CA ALA B 93 31.85 8.11 10.95
C ALA B 93 30.97 9.35 10.84
N ARG B 94 30.78 9.83 9.63
CA ARG B 94 29.92 10.98 9.36
C ARG B 94 28.44 10.63 9.34
N ALA B 95 28.11 9.37 9.06
CA ALA B 95 26.72 8.97 8.89
C ALA B 95 25.99 8.58 10.18
N ILE B 96 26.75 8.31 11.23
CA ILE B 96 26.15 7.81 12.47
C ILE B 96 25.27 8.87 13.09
N ALA B 97 24.01 8.53 13.34
CA ALA B 97 23.09 9.52 13.89
C ALA B 97 22.93 9.46 15.42
N GLY B 98 23.38 8.38 16.04
CA GLY B 98 23.16 8.22 17.47
C GLY B 98 23.36 6.82 18.03
N TYR B 99 23.30 6.70 19.35
CA TYR B 99 23.55 5.44 20.02
C TYR B 99 22.46 5.07 21.04
N GLY B 100 22.21 3.78 21.18
CA GLY B 100 21.15 3.29 22.04
C GLY B 100 21.58 1.92 22.54
N VAL B 101 20.71 1.24 23.26
CA VAL B 101 21.02 -0.11 23.70
C VAL B 101 19.88 -1.04 23.34
N ALA B 102 20.23 -2.26 22.94
CA ALA B 102 19.23 -3.24 22.54
C ALA B 102 19.47 -4.57 23.23
N LEU B 103 18.49 -5.45 23.13
CA LEU B 103 18.69 -6.85 23.44
C LEU B 103 18.53 -7.63 22.14
N ASP B 104 19.55 -8.37 21.75
CA ASP B 104 19.38 -9.23 20.60
C ASP B 104 18.93 -10.56 21.23
N LEU B 105 17.62 -10.78 21.19
CA LEU B 105 17.03 -11.94 21.84
C LEU B 105 17.31 -13.11 20.93
N THR B 106 17.76 -14.21 21.49
CA THR B 106 18.21 -15.35 20.69
C THR B 106 17.56 -16.63 21.16
N LEU B 107 17.00 -17.42 20.25
CA LEU B 107 16.47 -18.71 20.68
C LEU B 107 17.59 -19.70 20.55
N ARG B 108 18.23 -19.97 21.68
CA ARG B 108 19.58 -20.52 21.69
C ARG B 108 19.58 -21.98 21.33
N GLU B 109 18.59 -22.70 21.83
CA GLU B 109 18.47 -24.13 21.54
C GLU B 109 18.12 -24.36 20.08
N LEU B 110 17.17 -23.59 19.55
CA LEU B 110 16.82 -23.68 18.14
C LEU B 110 18.07 -23.39 17.31
N GLN B 111 18.78 -22.35 17.71
CA GLN B 111 19.98 -21.91 16.98
C GLN B 111 21.05 -22.99 16.95
N ALA B 112 21.27 -23.63 18.09
CA ALA B 112 22.27 -24.68 18.16
C ALA B 112 21.97 -25.78 17.15
N GLY B 113 20.70 -26.09 16.97
CA GLY B 113 20.30 -27.07 15.96
C GLY B 113 20.60 -26.59 14.55
N PHE B 114 20.29 -25.31 14.27
CA PHE B 114 20.56 -24.74 12.95
C PHE B 114 22.05 -24.76 12.60
N LYS B 115 22.89 -24.29 13.51
CA LYS B 115 24.33 -24.31 13.29
C LYS B 115 24.80 -25.70 12.89
N LYS B 116 24.32 -26.70 13.62
CA LYS B 116 24.75 -28.08 13.41
C LYS B 116 24.38 -28.59 12.02
N ALA B 117 23.22 -28.15 11.53
CA ALA B 117 22.69 -28.60 10.26
C ALA B 117 23.12 -27.67 9.12
N GLY B 118 23.82 -26.59 9.46
CA GLY B 118 24.21 -25.62 8.47
C GLY B 118 23.04 -24.80 7.93
N GLN B 119 22.01 -24.63 8.76
CA GLN B 119 20.80 -23.90 8.40
C GLN B 119 20.86 -22.41 8.75
N PRO B 120 20.05 -21.59 8.05
CA PRO B 120 20.00 -20.15 8.35
C PRO B 120 19.48 -19.88 9.77
N TRP B 121 19.81 -18.72 10.31
CA TRP B 121 19.55 -18.37 11.69
C TRP B 121 18.24 -17.61 11.93
N GLU B 122 17.58 -17.17 10.87
CA GLU B 122 16.45 -16.26 11.02
C GLU B 122 15.41 -16.68 12.07
N LYS B 123 15.00 -17.94 12.05
CA LYS B 123 14.01 -18.40 13.03
C LYS B 123 14.45 -18.14 14.48
N ALA B 124 15.75 -18.30 14.75
CA ALA B 124 16.30 -18.08 16.08
C ALA B 124 16.67 -16.62 16.43
N LYS B 125 17.06 -15.84 15.43
CA LYS B 125 17.39 -14.42 15.62
C LYS B 125 16.42 -13.34 15.15
N ALA B 126 15.53 -13.69 14.22
CA ALA B 126 14.72 -12.69 13.50
C ALA B 126 13.24 -12.63 13.88
N PHE B 127 12.85 -13.43 14.85
CA PHE B 127 11.44 -13.58 15.19
C PHE B 127 10.86 -12.29 15.76
N ASP B 128 9.53 -12.19 15.76
CA ASP B 128 8.84 -10.99 16.24
C ASP B 128 9.29 -10.58 17.62
N GLY B 129 9.59 -9.30 17.76
CA GLY B 129 10.00 -8.77 19.04
C GLY B 129 11.36 -9.25 19.49
N SER B 130 12.17 -9.74 18.57
CA SER B 130 13.51 -10.22 18.97
C SER B 130 14.53 -9.09 19.13
N CYS B 131 14.10 -7.84 18.94
CA CYS B 131 15.00 -6.72 19.16
C CYS B 131 14.35 -5.55 19.91
N PRO B 132 14.07 -5.74 21.21
CA PRO B 132 13.69 -4.62 22.08
C PRO B 132 14.83 -3.62 22.12
N ILE B 133 14.53 -2.33 21.99
CA ILE B 133 15.60 -1.36 21.84
C ILE B 133 15.21 -0.04 22.50
N SER B 134 16.22 0.68 23.00
CA SER B 134 16.03 2.00 23.62
C SER B 134 15.92 3.11 22.58
N GLY B 135 15.74 4.34 23.04
CA GLY B 135 15.85 5.48 22.15
C GLY B 135 17.32 5.80 21.95
N PHE B 136 17.62 6.69 21.01
CA PHE B 136 19.01 7.01 20.68
C PHE B 136 19.49 8.33 21.29
N ILE B 137 20.70 8.28 21.80
CA ILE B 137 21.39 9.46 22.32
C ILE B 137 22.23 10.03 21.18
N PRO B 138 22.06 11.34 20.88
CA PRO B 138 22.77 12.00 19.78
C PRO B 138 24.29 11.85 19.93
N VAL B 139 25.02 11.82 18.82
CA VAL B 139 26.47 11.62 18.87
C VAL B 139 27.17 12.66 19.75
N ALA B 140 26.70 13.90 19.68
CA ALA B 140 27.28 14.99 20.46
C ALA B 140 27.21 14.73 21.97
N GLU B 141 26.14 14.08 22.42
CA GLU B 141 25.95 13.85 23.84
C GLU B 141 26.49 12.52 24.35
N PHE B 142 26.84 11.61 23.44
CA PHE B 142 27.17 10.26 23.86
C PHE B 142 28.61 10.06 24.32
N GLY B 143 29.51 10.94 23.90
CA GLY B 143 30.92 10.78 24.24
C GLY B 143 31.54 9.71 23.35
N ASP B 144 32.44 8.92 23.91
CA ASP B 144 33.21 8.00 23.08
C ASP B 144 32.47 6.65 23.00
N ALA B 145 31.92 6.36 21.83
CA ALA B 145 31.04 5.22 21.68
C ALA B 145 31.81 3.92 21.89
N GLN B 146 33.12 3.99 21.74
CA GLN B 146 33.97 2.81 21.79
C GLN B 146 34.46 2.56 23.22
N GLN B 147 34.12 3.49 24.11
CA GLN B 147 34.27 3.32 25.57
C GLN B 147 33.00 3.06 26.41
N ALA B 148 31.87 2.78 25.76
CA ALA B 148 30.56 2.71 26.44
C ALA B 148 30.33 1.49 27.33
N ASP B 149 29.80 1.74 28.53
CA ASP B 149 29.46 0.68 29.47
C ASP B 149 28.06 0.11 29.24
N LEU B 150 27.98 -1.22 29.22
CA LEU B 150 26.72 -1.93 29.08
C LEU B 150 26.48 -2.79 30.32
N SER B 151 25.25 -2.76 30.82
CA SER B 151 24.92 -3.58 31.98
C SER B 151 23.50 -4.11 31.94
N LEU B 152 23.34 -5.39 32.27
CA LEU B 152 22.03 -6.02 32.35
C LEU B 152 21.88 -6.73 33.68
N THR B 153 20.85 -6.34 34.42
CA THR B 153 20.49 -6.97 35.70
C THR B 153 19.11 -7.57 35.56
N ILE B 154 18.97 -8.82 35.98
CA ILE B 154 17.67 -9.48 36.00
C ILE B 154 17.36 -9.90 37.44
N ASN B 155 16.18 -9.55 37.91
CA ASN B 155 15.78 -9.85 39.28
C ASN B 155 16.88 -9.51 40.29
N GLY B 156 17.48 -8.34 40.11
CA GLY B 156 18.48 -7.84 41.05
C GLY B 156 19.87 -8.44 40.95
N GLU B 157 20.08 -9.34 39.99
CA GLU B 157 21.36 -9.99 39.85
C GLU B 157 22.01 -9.57 38.54
N ILE B 158 23.28 -9.15 38.59
CA ILE B 158 23.95 -8.76 37.36
C ILE B 158 24.14 -10.00 36.49
N ARG B 159 23.75 -9.88 35.23
CA ARG B 159 23.82 -10.95 34.24
C ARG B 159 24.93 -10.66 33.23
N GLN B 160 24.88 -9.48 32.63
CA GLN B 160 25.97 -9.01 31.79
C GLN B 160 26.45 -7.62 32.15
N GLN B 161 27.76 -7.44 32.16
CA GLN B 161 28.32 -6.10 32.15
C GLN B 161 29.63 -6.09 31.39
N GLY B 162 29.82 -5.07 30.57
CA GLY B 162 30.99 -4.97 29.73
C GLY B 162 31.08 -3.56 29.20
N ASN B 163 32.16 -3.28 28.49
CA ASN B 163 32.37 -1.99 27.89
C ASN B 163 32.71 -2.21 26.42
N THR B 164 32.30 -1.28 25.56
CA THR B 164 32.48 -1.44 24.11
C THR B 164 33.95 -1.41 23.68
N ARG B 165 34.85 -1.04 24.59
CA ARG B 165 36.28 -1.04 24.26
C ARG B 165 36.75 -2.45 23.98
N ASP B 166 35.95 -3.43 24.42
CA ASP B 166 36.31 -4.84 24.26
C ASP B 166 35.83 -5.48 22.95
N MSE B 167 35.19 -4.68 22.09
CA MSE B 167 34.77 -5.20 20.78
C MSE B 167 35.96 -5.70 19.97
O MSE B 167 37.02 -5.10 20.01
CB MSE B 167 34.09 -4.11 19.96
CG MSE B 167 32.68 -3.79 20.35
SE MSE B 167 31.96 -2.62 18.98
CE MSE B 167 30.69 -1.65 20.07
N ILE B 168 35.78 -6.79 19.24
CA ILE B 168 36.86 -7.32 18.41
C ILE B 168 37.01 -6.48 17.15
N THR B 169 35.88 -6.18 16.49
CA THR B 169 35.87 -5.23 15.38
C THR B 169 35.13 -3.98 15.85
N PRO B 170 35.84 -2.83 15.93
CA PRO B 170 35.24 -1.58 16.40
C PRO B 170 34.06 -1.10 15.54
N ILE B 171 33.26 -0.19 16.10
CA ILE B 171 32.03 0.29 15.47
C ILE B 171 32.21 0.73 14.02
N ILE B 172 33.11 1.66 13.78
CA ILE B 172 33.25 2.22 12.44
C ILE B 172 33.75 1.19 11.41
N PRO B 173 34.86 0.50 11.71
CA PRO B 173 35.26 -0.57 10.77
C PRO B 173 34.15 -1.60 10.58
N LEU B 174 33.45 -1.94 11.66
CA LEU B 174 32.36 -2.90 11.55
C LEU B 174 31.31 -2.48 10.54
N ILE B 175 30.82 -1.26 10.69
CA ILE B 175 29.79 -0.72 9.81
C ILE B 175 30.30 -0.54 8.38
N SER B 176 31.55 -0.11 8.22
CA SER B 176 32.11 -0.08 6.87
C SER B 176 32.04 -1.48 6.25
N TYR B 177 32.45 -2.48 7.01
CA TYR B 177 32.37 -3.86 6.54
C TYR B 177 30.96 -4.28 6.13
N MSE B 178 29.99 -4.06 7.02
CA MSE B 178 28.60 -4.38 6.72
C MSE B 178 28.08 -3.78 5.41
O MSE B 178 27.33 -4.43 4.67
CB MSE B 178 27.69 -3.94 7.88
CG MSE B 178 27.98 -4.69 9.17
SE MSE B 178 26.97 -3.86 10.62
CE MSE B 178 27.00 -5.33 11.91
N SER B 179 28.48 -2.55 5.12
CA SER B 179 27.99 -1.85 3.93
C SER B 179 28.51 -2.43 2.63
N ARG B 180 29.53 -3.28 2.70
CA ARG B 180 30.06 -3.93 1.51
C ARG B 180 29.14 -5.05 1.03
N PHE B 181 28.20 -5.44 1.88
CA PHE B 181 27.20 -6.49 1.60
C PHE B 181 25.80 -5.92 1.47
N PHE B 182 25.39 -5.18 2.49
CA PHE B 182 24.06 -4.60 2.52
C PHE B 182 24.11 -3.09 2.49
N THR B 183 23.30 -2.47 1.65
CA THR B 183 23.10 -1.05 1.76
C THR B 183 22.44 -0.76 3.08
N LEU B 184 23.00 0.20 3.82
CA LEU B 184 22.41 0.58 5.09
C LEU B 184 21.72 1.90 4.85
N ARG B 185 20.40 1.89 4.84
CA ARG B 185 19.64 3.11 4.61
C ARG B 185 19.57 3.97 5.85
N ALA B 186 19.31 5.27 5.67
CA ALA B 186 19.02 6.13 6.80
C ALA B 186 17.91 5.45 7.59
N GLY B 187 18.04 5.41 8.91
CA GLY B 187 17.04 4.75 9.73
C GLY B 187 17.31 3.29 10.00
N ASP B 188 18.28 2.71 9.30
CA ASP B 188 18.72 1.35 9.64
C ASP B 188 19.46 1.35 10.98
N ILE B 189 19.43 0.22 11.66
CA ILE B 189 20.08 0.11 12.95
C ILE B 189 21.17 -0.94 12.83
N VAL B 190 22.29 -0.70 13.49
CA VAL B 190 23.34 -1.71 13.58
C VAL B 190 23.50 -2.15 15.02
N LEU B 191 23.53 -3.47 15.25
CA LEU B 191 23.87 -4.02 16.57
C LEU B 191 25.32 -4.49 16.54
N THR B 192 26.05 -4.17 17.60
CA THR B 192 27.49 -4.35 17.62
C THR B 192 28.09 -5.57 18.37
N GLY B 193 27.26 -6.48 18.85
CA GLY B 193 27.76 -7.63 19.58
C GLY B 193 27.52 -7.55 21.08
N THR B 194 27.55 -8.70 21.76
CA THR B 194 27.24 -8.77 23.19
C THR B 194 28.43 -9.24 24.02
N PRO B 195 28.59 -8.68 25.23
CA PRO B 195 29.64 -9.18 26.12
C PRO B 195 29.28 -10.56 26.62
N GLN B 196 30.14 -11.15 27.44
CA GLN B 196 29.87 -12.45 28.03
C GLN B 196 28.69 -12.36 29.01
N GLY B 197 28.14 -13.50 29.38
CA GLY B 197 27.07 -13.57 30.34
C GLY B 197 25.71 -13.79 29.71
N VAL B 198 25.70 -14.14 28.43
CA VAL B 198 24.45 -14.48 27.79
C VAL B 198 23.73 -15.57 28.61
N GLY B 199 22.42 -15.45 28.77
CA GLY B 199 21.70 -16.44 29.55
C GLY B 199 20.20 -16.38 29.30
N PRO B 200 19.45 -17.34 29.87
CA PRO B 200 18.00 -17.44 29.64
C PRO B 200 17.19 -16.40 30.40
N MSE B 201 16.03 -16.06 29.86
CA MSE B 201 15.09 -15.15 30.49
C MSE B 201 13.74 -15.84 30.59
O MSE B 201 13.44 -16.71 29.79
CB MSE B 201 14.92 -13.89 29.65
CG MSE B 201 16.06 -12.92 29.72
SE MSE B 201 15.49 -11.23 28.98
CE MSE B 201 14.77 -11.87 27.30
N GLN B 202 12.93 -15.42 31.55
CA GLN B 202 11.63 -16.03 31.70
C GLN B 202 10.56 -14.99 31.97
N SER B 203 9.32 -15.32 31.63
CA SER B 203 8.19 -14.45 31.89
C SER B 203 8.18 -14.08 33.36
N GLY B 204 7.98 -12.81 33.66
CA GLY B 204 8.02 -12.32 35.02
C GLY B 204 9.34 -11.69 35.43
N ASP B 205 10.41 -11.96 34.70
CA ASP B 205 11.72 -11.39 35.03
C ASP B 205 11.68 -9.86 35.03
N MSE B 206 12.40 -9.25 35.97
CA MSE B 206 12.46 -7.81 36.11
C MSE B 206 13.81 -7.34 35.60
O MSE B 206 14.84 -7.74 36.12
CB MSE B 206 12.30 -7.39 37.58
CG MSE B 206 11.01 -7.88 38.23
SE MSE B 206 9.42 -7.13 37.40
CE MSE B 206 9.54 -5.32 38.12
N LEU B 207 13.80 -6.49 34.58
CA LEU B 207 15.01 -6.06 33.89
C LEU B 207 15.44 -4.63 34.18
N LYS B 208 16.71 -4.46 34.48
CA LYS B 208 17.29 -3.13 34.62
C LYS B 208 18.47 -3.05 33.69
N ILE B 209 18.39 -2.15 32.71
CA ILE B 209 19.40 -2.07 31.69
C ILE B 209 20.10 -0.75 31.83
N MSE B 210 21.42 -0.75 31.72
CA MSE B 210 22.14 0.51 31.78
C MSE B 210 23.09 0.68 30.60
O MSE B 210 23.77 -0.26 30.20
CB MSE B 210 22.88 0.67 33.10
CG MSE B 210 21.96 0.57 34.30
SE MSE B 210 22.92 0.97 35.95
CE MSE B 210 22.90 2.91 35.88
N LEU B 211 23.08 1.87 30.05
CA LEU B 211 23.99 2.26 29.00
C LEU B 211 24.72 3.46 29.54
N ASN B 212 26.02 3.29 29.78
CA ASN B 212 26.75 4.24 30.57
C ASN B 212 25.97 4.47 31.85
N GLY B 213 25.62 5.70 32.14
CA GLY B 213 24.89 5.95 33.37
C GLY B 213 23.40 5.65 33.27
N LYS B 214 22.89 5.70 32.03
CA LYS B 214 21.47 5.82 31.77
C LYS B 214 20.70 4.50 31.92
N THR B 215 19.62 4.56 32.70
CA THR B 215 18.89 3.37 33.10
C THR B 215 17.52 3.24 32.43
N VAL B 216 17.15 2.01 32.09
CA VAL B 216 15.80 1.70 31.67
C VAL B 216 15.33 0.48 32.48
N ASN B 217 14.10 0.55 32.98
CA ASN B 217 13.54 -0.56 33.75
C ASN B 217 12.38 -1.17 32.99
N THR B 218 12.41 -2.49 32.78
CA THR B 218 11.33 -3.17 32.08
C THR B 218 11.15 -4.58 32.62
N ARG B 219 10.30 -5.37 31.98
CA ARG B 219 10.01 -6.69 32.49
C ARG B 219 9.56 -7.59 31.36
N ILE B 220 9.68 -8.90 31.58
CA ILE B 220 9.34 -9.88 30.56
C ILE B 220 7.91 -10.34 30.79
N ILE B 221 7.08 -10.28 29.76
CA ILE B 221 5.65 -10.55 29.91
C ILE B 221 4.91 -10.28 28.62
N TYR C 5 12.74 -0.05 -4.93
CA TYR C 5 11.83 -0.97 -5.60
C TYR C 5 10.40 -0.70 -5.17
N GLN C 6 9.48 -0.82 -6.13
CA GLN C 6 8.06 -0.72 -5.82
C GLN C 6 7.37 -1.96 -6.38
N HIS C 7 6.35 -2.45 -5.68
CA HIS C 7 5.58 -3.60 -6.17
C HIS C 7 4.78 -3.17 -7.39
N ARG C 8 4.69 -4.06 -8.38
CA ARG C 8 3.92 -3.73 -9.58
C ARG C 8 3.08 -4.90 -10.02
N ASP C 9 2.08 -4.65 -10.87
CA ASP C 9 1.41 -5.77 -11.49
C ASP C 9 2.21 -6.19 -12.71
N TRP C 10 1.76 -7.25 -13.37
CA TRP C 10 2.52 -7.83 -14.46
C TRP C 10 2.69 -6.83 -15.59
N GLN C 11 1.71 -5.95 -15.77
CA GLN C 11 1.78 -4.93 -16.83
C GLN C 11 2.64 -3.71 -16.47
N GLY C 12 3.11 -3.63 -15.23
CA GLY C 12 4.00 -2.57 -14.81
C GLY C 12 3.34 -1.50 -13.95
N ALA C 13 2.07 -1.68 -13.64
CA ALA C 13 1.32 -0.72 -12.83
C ALA C 13 1.78 -0.77 -11.38
N LEU C 14 1.98 0.40 -10.79
CA LEU C 14 2.35 0.49 -9.40
C LEU C 14 1.24 -0.09 -8.54
N LEU C 15 1.59 -0.89 -7.53
CA LEU C 15 0.56 -1.28 -6.56
C LEU C 15 0.71 -0.42 -5.30
N ASP C 16 -0.26 -0.52 -4.41
CA ASP C 16 -0.35 0.35 -3.24
C ASP C 16 0.16 -0.26 -1.93
N PHE C 17 0.76 -1.45 -2.00
CA PHE C 17 1.34 -2.08 -0.81
C PHE C 17 2.72 -1.53 -0.47
N PRO C 18 3.04 -1.39 0.82
CA PRO C 18 4.42 -0.98 1.08
C PRO C 18 5.40 -2.13 0.85
N VAL C 19 6.69 -1.86 1.00
CA VAL C 19 7.74 -2.83 0.77
C VAL C 19 8.49 -2.99 2.09
N ASN C 20 8.65 -4.24 2.53
CA ASN C 20 9.31 -4.49 3.81
CA ASN C 20 9.31 -4.49 3.80
C ASN C 20 10.39 -5.58 3.74
N LYS C 21 9.94 -6.83 3.59
CA LYS C 21 10.85 -7.97 3.58
C LYS C 21 10.34 -9.05 2.64
N VAL C 22 11.21 -10.01 2.35
CA VAL C 22 10.88 -11.22 1.58
C VAL C 22 11.21 -12.44 2.45
N VAL C 23 10.21 -13.27 2.75
CA VAL C 23 10.46 -14.45 3.55
C VAL C 23 10.59 -15.66 2.62
N CYS C 24 11.63 -16.48 2.80
CA CYS C 24 11.95 -17.55 1.85
C CYS C 24 12.11 -18.90 2.51
N VAL C 25 11.92 -19.95 1.70
CA VAL C 25 12.06 -21.33 2.16
C VAL C 25 13.19 -22.00 1.38
N GLY C 26 14.10 -22.66 2.08
CA GLY C 26 15.10 -23.46 1.42
C GLY C 26 14.65 -24.91 1.34
N SER C 27 15.22 -25.67 0.42
CA SER C 27 14.98 -27.11 0.33
C SER C 27 13.49 -27.43 0.26
N ASN C 28 12.77 -26.77 -0.64
CA ASN C 28 11.36 -27.10 -0.85
C ASN C 28 11.02 -27.99 -2.05
N TYR C 29 12.02 -28.45 -2.79
CA TYR C 29 11.79 -29.38 -3.89
C TYR C 29 12.80 -30.48 -3.76
N ALA C 30 12.35 -31.73 -3.88
CA ALA C 30 13.19 -32.90 -3.60
C ALA C 30 14.44 -32.99 -4.50
N GLU C 31 14.32 -32.58 -5.76
CA GLU C 31 15.46 -32.67 -6.67
C GLU C 31 16.45 -31.55 -6.41
N HIS C 32 15.99 -30.45 -5.83
CA HIS C 32 16.93 -29.40 -5.47
C HIS C 32 17.72 -29.84 -4.25
N ILE C 33 17.03 -30.42 -3.27
CA ILE C 33 17.72 -30.98 -2.11
C ILE C 33 18.82 -31.93 -2.56
N LYS C 34 18.50 -32.80 -3.51
CA LYS C 34 19.48 -33.78 -4.01
C LYS C 34 20.70 -33.10 -4.65
N GLU C 35 20.50 -32.16 -5.55
CA GLU C 35 21.64 -31.49 -6.19
C GLU C 35 22.47 -30.68 -5.21
N MSE C 36 21.86 -30.20 -4.12
CA MSE C 36 22.62 -29.47 -3.10
C MSE C 36 23.31 -30.40 -2.10
O MSE C 36 24.04 -29.94 -1.22
CB MSE C 36 21.72 -28.50 -2.34
CG MSE C 36 21.05 -27.46 -3.21
SE MSE C 36 22.33 -26.22 -4.02
CE MSE C 36 22.42 -26.99 -5.80
N GLY C 37 23.08 -31.70 -2.23
CA GLY C 37 23.64 -32.67 -1.31
C GLY C 37 23.10 -32.47 0.10
N SER C 38 21.91 -31.87 0.17
CA SER C 38 21.27 -31.56 1.44
C SER C 38 20.40 -32.73 1.90
N THR C 39 19.79 -32.59 3.07
CA THR C 39 18.87 -33.59 3.60
C THR C 39 17.60 -32.88 4.06
N ALA C 40 16.43 -33.44 3.72
CA ALA C 40 15.16 -32.82 4.09
C ALA C 40 15.05 -32.64 5.60
N SER C 41 14.33 -31.61 6.03
CA SER C 41 14.16 -31.33 7.45
C SER C 41 12.70 -31.48 7.83
N VAL C 42 12.42 -31.71 9.12
CA VAL C 42 11.04 -31.88 9.54
C VAL C 42 10.23 -30.62 9.28
N GLU C 43 10.81 -29.47 9.60
CA GLU C 43 10.10 -28.20 9.44
C GLU C 43 10.79 -27.35 8.37
N PRO C 44 10.04 -26.46 7.74
CA PRO C 44 10.61 -25.66 6.65
C PRO C 44 11.84 -24.87 7.09
N VAL C 45 12.85 -24.91 6.23
CA VAL C 45 14.04 -24.09 6.38
C VAL C 45 13.71 -22.67 5.88
N LEU C 46 13.87 -21.68 6.75
CA LEU C 46 13.44 -20.31 6.45
C LEU C 46 14.59 -19.30 6.53
N PHE C 47 14.60 -18.38 5.58
CA PHE C 47 15.48 -17.22 5.70
C PHE C 47 14.76 -16.00 5.15
N ILE C 48 15.39 -14.85 5.24
CA ILE C 48 14.73 -13.63 4.87
C ILE C 48 15.66 -12.71 4.09
N LYS C 49 15.11 -12.02 3.09
CA LYS C 49 15.87 -10.99 2.39
C LYS C 49 15.23 -9.64 2.69
N PRO C 50 16.06 -8.60 2.80
CA PRO C 50 15.49 -7.31 3.18
C PRO C 50 15.08 -6.55 1.92
N GLU C 51 14.48 -5.38 2.11
CA GLU C 51 14.00 -4.55 1.02
C GLU C 51 15.09 -4.23 -0.01
N THR C 52 16.33 -4.11 0.46
CA THR C 52 17.48 -3.76 -0.40
C THR C 52 17.84 -4.89 -1.36
N ALA C 53 17.25 -6.07 -1.16
CA ALA C 53 17.45 -7.19 -2.09
C ALA C 53 16.55 -7.05 -3.34
N LEU C 54 15.42 -6.38 -3.19
CA LEU C 54 14.38 -6.35 -4.22
C LEU C 54 14.73 -5.43 -5.37
N CYS C 55 14.45 -5.90 -6.57
CA CYS C 55 14.54 -5.08 -7.76
C CYS C 55 13.61 -5.61 -8.87
N ASP C 56 13.35 -4.76 -9.85
CA ASP C 56 12.44 -5.09 -10.93
C ASP C 56 13.19 -5.98 -11.93
N ILE C 57 12.71 -7.21 -12.11
CA ILE C 57 13.39 -8.16 -12.97
C ILE C 57 13.35 -7.74 -14.44
N ARG C 58 12.47 -6.80 -14.78
CA ARG C 58 12.36 -6.37 -16.18
CA ARG C 58 12.34 -6.33 -16.16
C ARG C 58 13.53 -5.49 -16.60
N GLN C 59 14.22 -4.92 -15.62
CA GLN C 59 15.40 -4.12 -15.88
C GLN C 59 16.62 -5.02 -15.87
N PRO C 60 17.70 -4.63 -16.57
CA PRO C 60 18.93 -5.44 -16.55
C PRO C 60 19.33 -5.72 -15.09
N VAL C 61 19.76 -6.94 -14.84
CA VAL C 61 19.97 -7.41 -13.48
C VAL C 61 21.45 -7.31 -13.15
N SER C 62 21.79 -6.51 -12.15
CA SER C 62 23.19 -6.41 -11.75
C SER C 62 23.50 -7.53 -10.77
N ILE C 63 24.68 -8.11 -10.89
CA ILE C 63 25.12 -9.10 -9.92
C ILE C 63 26.45 -8.66 -9.33
N PRO C 64 26.69 -8.99 -8.04
CA PRO C 64 27.94 -8.53 -7.45
C PRO C 64 29.10 -9.21 -8.13
N LYS C 65 30.25 -8.56 -8.08
CA LYS C 65 31.46 -9.13 -8.61
C LYS C 65 32.40 -9.40 -7.44
N ASP C 66 33.31 -10.36 -7.65
CA ASP C 66 34.34 -10.70 -6.68
C ASP C 66 33.80 -11.29 -5.38
N PHE C 67 32.58 -11.79 -5.40
CA PHE C 67 32.12 -12.68 -4.34
C PHE C 67 32.15 -14.14 -4.74
N GLY C 68 32.52 -14.42 -5.99
CA GLY C 68 32.43 -15.78 -6.49
C GLY C 68 31.23 -15.96 -7.41
N SER C 69 30.94 -17.19 -7.77
CA SER C 69 29.82 -17.42 -8.68
C SER C 69 28.50 -17.01 -8.05
N VAL C 70 27.67 -16.39 -8.86
CA VAL C 70 26.32 -16.04 -8.48
C VAL C 70 25.38 -16.99 -9.20
N HIS C 71 24.53 -17.66 -8.45
CA HIS C 71 23.65 -18.66 -9.02
C HIS C 71 22.18 -18.22 -9.08
N HIS C 72 21.51 -18.62 -10.16
CA HIS C 72 20.09 -18.34 -10.32
C HIS C 72 19.26 -19.39 -9.57
N GLU C 73 18.23 -18.93 -8.86
CA GLU C 73 17.26 -19.87 -8.35
C GLU C 73 15.87 -19.31 -8.62
N ILE C 74 15.14 -19.93 -9.52
CA ILE C 74 13.86 -19.35 -9.91
C ILE C 74 12.84 -19.88 -8.93
N GLU C 75 11.90 -19.03 -8.53
CA GLU C 75 10.92 -19.44 -7.51
C GLU C 75 9.60 -18.75 -7.75
N LEU C 76 8.51 -19.39 -7.33
CA LEU C 76 7.22 -18.73 -7.33
C LEU C 76 7.22 -17.74 -6.18
N ALA C 77 6.84 -16.50 -6.46
CA ALA C 77 6.75 -15.50 -5.42
C ALA C 77 5.29 -15.25 -5.10
N VAL C 78 4.99 -15.02 -3.82
CA VAL C 78 3.64 -14.76 -3.34
C VAL C 78 3.54 -13.40 -2.62
N LEU C 79 2.64 -12.56 -3.09
CA LEU C 79 2.43 -11.25 -2.48
C LEU C 79 1.39 -11.34 -1.38
N ILE C 80 1.76 -10.91 -0.17
CA ILE C 80 0.80 -10.93 0.95
C ILE C 80 0.02 -9.62 0.98
N GLY C 81 -1.29 -9.70 0.99
CA GLY C 81 -2.13 -8.51 0.95
C GLY C 81 -2.80 -8.07 2.24
N THR C 82 -2.69 -8.90 3.28
CA THR C 82 -3.27 -8.61 4.59
C THR C 82 -2.29 -9.13 5.65
N PRO C 83 -2.14 -8.41 6.77
CA PRO C 83 -1.13 -8.85 7.73
C PRO C 83 -1.43 -10.25 8.27
N LEU C 84 -0.38 -11.03 8.53
CA LEU C 84 -0.56 -12.37 9.06
C LEU C 84 0.41 -12.63 10.20
N LYS C 85 -0.16 -12.95 11.36
CA LYS C 85 0.64 -13.36 12.48
C LYS C 85 -0.04 -14.56 13.14
N GLN C 86 0.69 -15.66 13.28
CA GLN C 86 0.14 -16.89 13.86
C GLN C 86 -1.15 -17.25 13.17
N ALA C 87 -1.16 -17.13 11.84
CA ALA C 87 -2.35 -17.26 11.02
C ALA C 87 -2.72 -18.70 10.73
N SER C 88 -4.03 -18.99 10.77
CA SER C 88 -4.55 -20.30 10.33
C SER C 88 -4.38 -20.49 8.83
N GLU C 89 -4.46 -21.73 8.34
CA GLU C 89 -4.40 -21.96 6.91
C GLU C 89 -5.50 -21.17 6.18
N ASP C 90 -6.71 -21.16 6.73
CA ASP C 90 -7.80 -20.41 6.12
C ASP C 90 -7.50 -18.91 6.03
N ARG C 91 -6.96 -18.33 7.10
CA ARG C 91 -6.66 -16.90 7.08
C ARG C 91 -5.60 -16.59 6.02
N VAL C 92 -4.58 -17.43 5.94
CA VAL C 92 -3.55 -17.31 4.90
C VAL C 92 -4.17 -17.29 3.50
N ALA C 93 -5.02 -18.28 3.22
CA ALA C 93 -5.68 -18.34 1.90
C ALA C 93 -6.33 -17.01 1.51
N ARG C 94 -7.02 -16.38 2.46
CA ARG C 94 -7.72 -15.12 2.22
C ARG C 94 -6.79 -13.90 2.11
N ALA C 95 -5.56 -14.03 2.58
CA ALA C 95 -4.61 -12.92 2.59
C ALA C 95 -3.78 -12.77 1.30
N ILE C 96 -3.75 -13.77 0.44
CA ILE C 96 -2.82 -13.77 -0.68
C ILE C 96 -3.37 -12.85 -1.77
N ALA C 97 -2.60 -11.81 -2.10
CA ALA C 97 -3.00 -10.84 -3.12
C ALA C 97 -2.60 -11.15 -4.58
N GLY C 98 -1.64 -12.03 -4.78
CA GLY C 98 -1.14 -12.24 -6.13
C GLY C 98 0.12 -13.07 -6.22
N TYR C 99 0.47 -13.46 -7.43
CA TYR C 99 1.59 -14.35 -7.66
C TYR C 99 2.55 -13.79 -8.69
N GLY C 100 3.82 -14.15 -8.53
CA GLY C 100 4.85 -13.65 -9.41
C GLY C 100 6.00 -14.62 -9.47
N VAL C 101 7.06 -14.22 -10.14
CA VAL C 101 8.22 -15.08 -10.27
C VAL C 101 9.46 -14.27 -9.89
N ALA C 102 10.39 -14.89 -9.18
CA ALA C 102 11.60 -14.19 -8.79
C ALA C 102 12.79 -15.08 -9.01
N LEU C 103 13.97 -14.47 -8.95
CA LEU C 103 15.21 -15.23 -8.87
C LEU C 103 15.75 -15.02 -7.46
N ASP C 104 15.98 -16.09 -6.70
CA ASP C 104 16.60 -15.89 -5.41
C ASP C 104 18.07 -16.08 -5.75
N LEU C 105 18.79 -14.96 -5.86
CA LEU C 105 20.15 -15.01 -6.35
C LEU C 105 20.99 -15.39 -5.16
N THR C 106 21.96 -16.27 -5.37
CA THR C 106 22.69 -16.84 -4.25
C THR C 106 24.18 -16.86 -4.51
N LEU C 107 24.98 -16.50 -3.52
CA LEU C 107 26.41 -16.63 -3.73
C LEU C 107 26.68 -18.03 -3.21
N ARG C 108 26.93 -18.92 -4.16
CA ARG C 108 26.79 -20.35 -3.92
C ARG C 108 27.93 -20.82 -3.04
N GLU C 109 29.14 -20.38 -3.38
CA GLU C 109 30.32 -20.76 -2.61
C GLU C 109 30.34 -20.19 -1.21
N LEU C 110 29.95 -18.93 -1.07
CA LEU C 110 29.84 -18.35 0.26
C LEU C 110 28.84 -19.15 1.08
N GLN C 111 27.70 -19.49 0.48
CA GLN C 111 26.67 -20.20 1.22
C GLN C 111 27.20 -21.53 1.72
N ALA C 112 27.96 -22.21 0.85
CA ALA C 112 28.52 -23.51 1.16
C ALA C 112 29.47 -23.43 2.36
N GLY C 113 30.27 -22.37 2.40
CA GLY C 113 31.14 -22.14 3.54
C GLY C 113 30.33 -21.90 4.79
N PHE C 114 29.30 -21.07 4.68
CA PHE C 114 28.44 -20.77 5.83
C PHE C 114 27.78 -22.02 6.38
N LYS C 115 27.30 -22.88 5.48
CA LYS C 115 26.70 -24.16 5.87
C LYS C 115 27.68 -25.01 6.66
N LYS C 116 28.93 -25.06 6.20
CA LYS C 116 29.97 -25.88 6.83
C LYS C 116 30.36 -25.32 8.21
N ALA C 117 30.39 -24.00 8.31
CA ALA C 117 30.77 -23.36 9.58
C ALA C 117 29.56 -23.12 10.51
N GLY C 118 28.37 -23.49 10.06
CA GLY C 118 27.16 -23.23 10.83
C GLY C 118 26.96 -21.75 11.08
N GLN C 119 27.24 -20.92 10.08
CA GLN C 119 27.04 -19.50 10.24
C GLN C 119 25.78 -19.02 9.51
N PRO C 120 25.42 -17.74 9.66
CA PRO C 120 24.18 -17.29 9.03
C PRO C 120 24.35 -17.04 7.54
N TRP C 121 23.25 -17.14 6.80
CA TRP C 121 23.30 -17.08 5.33
C TRP C 121 23.23 -15.69 4.70
N GLU C 122 23.00 -14.67 5.52
CA GLU C 122 22.65 -13.35 4.99
C GLU C 122 23.61 -12.82 3.92
N LYS C 123 24.92 -12.98 4.14
CA LYS C 123 25.89 -12.47 3.16
C LYS C 123 25.68 -13.09 1.79
N ALA C 124 25.34 -14.38 1.80
CA ALA C 124 25.07 -15.11 0.56
C ALA C 124 23.66 -14.93 -0.01
N LYS C 125 22.64 -14.84 0.85
CA LYS C 125 21.29 -14.64 0.33
C LYS C 125 20.67 -13.24 0.36
N ALA C 126 21.24 -12.37 1.18
CA ALA C 126 20.62 -11.08 1.51
C ALA C 126 21.19 -9.83 0.85
N PHE C 127 22.19 -10.03 0.01
CA PHE C 127 22.95 -8.92 -0.55
C PHE C 127 22.09 -8.08 -1.50
N ASP C 128 22.52 -6.83 -1.72
CA ASP C 128 21.74 -5.88 -2.51
C ASP C 128 21.37 -6.49 -3.84
N GLY C 129 20.12 -6.32 -4.24
CA GLY C 129 19.65 -6.83 -5.51
C GLY C 129 19.55 -8.36 -5.63
N SER C 130 19.58 -9.08 -4.51
CA SER C 130 19.54 -10.56 -4.57
C SER C 130 18.16 -11.13 -4.92
N CYS C 131 17.16 -10.27 -5.05
CA CYS C 131 15.81 -10.75 -5.37
C CYS C 131 15.16 -9.96 -6.50
N PRO C 132 15.69 -10.10 -7.71
CA PRO C 132 14.94 -9.57 -8.85
C PRO C 132 13.61 -10.28 -8.97
N ILE C 133 12.55 -9.53 -9.17
CA ILE C 133 11.23 -10.11 -9.13
C ILE C 133 10.31 -9.48 -10.17
N SER C 134 9.34 -10.26 -10.63
CA SER C 134 8.40 -9.82 -11.64
C SER C 134 7.29 -9.02 -10.97
N GLY C 135 6.37 -8.52 -11.78
CA GLY C 135 5.16 -7.94 -11.27
C GLY C 135 4.23 -9.09 -10.93
N PHE C 136 3.10 -8.77 -10.30
CA PHE C 136 2.21 -9.79 -9.79
C PHE C 136 0.96 -10.01 -10.63
N ILE C 137 0.59 -11.28 -10.76
CA ILE C 137 -0.62 -11.69 -11.43
C ILE C 137 -1.75 -11.84 -10.42
N PRO C 138 -2.98 -11.38 -10.75
CA PRO C 138 -4.09 -11.50 -9.79
C PRO C 138 -4.41 -12.95 -9.44
N VAL C 139 -4.81 -13.18 -8.19
CA VAL C 139 -5.29 -14.49 -7.77
C VAL C 139 -6.36 -15.02 -8.73
N ALA C 140 -7.30 -14.16 -9.09
CA ALA C 140 -8.42 -14.55 -9.94
C ALA C 140 -7.99 -14.98 -11.33
N GLU C 141 -6.86 -14.46 -11.80
CA GLU C 141 -6.35 -14.81 -13.11
C GLU C 141 -5.29 -15.93 -13.13
N PHE C 142 -4.74 -16.28 -11.96
CA PHE C 142 -3.54 -17.13 -11.93
C PHE C 142 -3.79 -18.63 -12.03
N GLY C 143 -5.00 -19.06 -11.69
CA GLY C 143 -5.27 -20.49 -11.68
C GLY C 143 -4.80 -21.12 -10.37
N ASP C 144 -4.66 -22.43 -10.37
CA ASP C 144 -4.29 -23.13 -9.15
C ASP C 144 -2.79 -22.89 -8.94
N ALA C 145 -2.45 -22.25 -7.82
CA ALA C 145 -1.08 -21.79 -7.58
C ALA C 145 -0.15 -22.95 -7.26
N GLN C 146 -0.74 -24.08 -6.90
CA GLN C 146 0.01 -25.28 -6.56
C GLN C 146 0.18 -26.16 -7.79
N GLN C 147 -0.36 -25.70 -8.91
CA GLN C 147 -0.13 -26.25 -10.25
C GLN C 147 0.82 -25.50 -11.20
N ALA C 148 1.49 -24.45 -10.71
CA ALA C 148 2.19 -23.49 -11.58
C ALA C 148 3.49 -23.99 -12.20
N ASP C 149 3.68 -23.75 -13.50
CA ASP C 149 4.94 -24.08 -14.18
C ASP C 149 5.95 -22.91 -14.16
N LEU C 150 7.20 -23.22 -13.86
CA LEU C 150 8.27 -22.23 -13.88
C LEU C 150 9.36 -22.66 -14.85
N SER C 151 9.86 -21.71 -15.63
CA SER C 151 10.94 -21.99 -16.56
C SER C 151 11.93 -20.83 -16.57
N LEU C 152 13.21 -21.16 -16.59
CA LEU C 152 14.28 -20.18 -16.75
C LEU C 152 15.17 -20.67 -17.88
N THR C 153 15.30 -19.85 -18.92
CA THR C 153 16.19 -20.14 -20.05
C THR C 153 17.29 -19.08 -20.11
N ILE C 154 18.53 -19.52 -20.26
CA ILE C 154 19.67 -18.61 -20.36
C ILE C 154 20.44 -18.85 -21.65
N ASN C 155 20.55 -17.82 -22.48
CA ASN C 155 21.20 -17.96 -23.77
C ASN C 155 20.60 -19.10 -24.62
N GLY C 156 19.28 -19.22 -24.60
CA GLY C 156 18.60 -20.22 -25.40
C GLY C 156 18.60 -21.63 -24.84
N GLU C 157 19.24 -21.84 -23.69
CA GLU C 157 19.23 -23.18 -23.10
C GLU C 157 18.42 -23.24 -21.82
N ILE C 158 17.50 -24.20 -21.74
CA ILE C 158 16.72 -24.41 -20.51
C ILE C 158 17.67 -24.77 -19.37
N ARG C 159 17.56 -24.02 -18.27
CA ARG C 159 18.40 -24.20 -17.07
C ARG C 159 17.59 -24.82 -15.92
N GLN C 160 16.51 -24.14 -15.55
CA GLN C 160 15.55 -24.71 -14.61
C GLN C 160 14.15 -24.83 -15.20
N GLN C 161 13.48 -25.94 -14.86
CA GLN C 161 12.07 -26.18 -15.16
C GLN C 161 11.48 -26.92 -13.99
N GLY C 162 10.30 -26.52 -13.56
CA GLY C 162 9.66 -27.15 -12.43
C GLY C 162 8.20 -26.78 -12.39
N ASN C 163 7.44 -27.45 -11.53
CA ASN C 163 6.05 -27.10 -11.35
C ASN C 163 5.83 -27.07 -9.85
N THR C 164 5.01 -26.15 -9.35
CA THR C 164 4.85 -26.00 -7.91
C THR C 164 4.15 -27.18 -7.25
N ARG C 165 3.58 -28.08 -8.05
CA ARG C 165 2.97 -29.29 -7.47
C ARG C 165 4.04 -30.13 -6.74
N ASP C 166 5.30 -29.92 -7.10
CA ASP C 166 6.39 -30.65 -6.49
C ASP C 166 6.91 -30.02 -5.19
N MSE C 167 6.29 -28.94 -4.74
CA MSE C 167 6.71 -28.34 -3.46
C MSE C 167 6.53 -29.33 -2.32
O MSE C 167 5.49 -29.96 -2.16
CB MSE C 167 5.94 -27.06 -3.14
CG MSE C 167 6.36 -25.82 -3.91
SE MSE C 167 5.16 -24.30 -3.47
CE MSE C 167 5.50 -24.14 -1.62
N ILE C 168 7.58 -29.47 -1.51
CA ILE C 168 7.49 -30.34 -0.35
C ILE C 168 6.52 -29.82 0.71
N THR C 169 6.57 -28.51 0.97
CA THR C 169 5.57 -27.87 1.81
C THR C 169 4.80 -26.90 0.95
N PRO C 170 3.50 -27.17 0.75
CA PRO C 170 2.65 -26.34 -0.12
C PRO C 170 2.54 -24.91 0.39
N ILE C 171 2.12 -24.02 -0.50
CA ILE C 171 2.06 -22.58 -0.24
C ILE C 171 1.33 -22.21 1.05
N ILE C 172 0.10 -22.70 1.21
CA ILE C 172 -0.70 -22.26 2.33
C ILE C 172 -0.09 -22.70 3.66
N PRO C 173 0.20 -24.01 3.81
CA PRO C 173 0.83 -24.43 5.07
C PRO C 173 2.18 -23.77 5.30
N LEU C 174 2.93 -23.49 4.24
CA LEU C 174 4.23 -22.88 4.38
C LEU C 174 4.10 -21.47 4.98
N ILE C 175 3.15 -20.71 4.47
CA ILE C 175 2.96 -19.32 4.91
C ILE C 175 2.36 -19.30 6.31
N SER C 176 1.48 -20.25 6.59
CA SER C 176 0.96 -20.38 7.96
C SER C 176 2.12 -20.58 8.94
N TYR C 177 3.01 -21.52 8.61
CA TYR C 177 4.21 -21.77 9.41
C TYR C 177 5.08 -20.52 9.56
N MSE C 178 5.46 -19.90 8.46
CA MSE C 178 6.26 -18.67 8.55
C MSE C 178 5.66 -17.67 9.53
O MSE C 178 6.38 -17.05 10.30
CB MSE C 178 6.40 -18.01 7.17
CG MSE C 178 7.27 -18.82 6.19
SE MSE C 178 7.00 -18.05 4.42
CE MSE C 178 8.32 -19.09 3.40
N SER C 179 4.34 -17.51 9.49
CA SER C 179 3.70 -16.50 10.34
C SER C 179 3.82 -16.81 11.84
N ARG C 180 4.25 -18.02 12.20
CA ARG C 180 4.42 -18.39 13.62
C ARG C 180 5.67 -17.72 14.18
N PHE C 181 6.56 -17.35 13.27
CA PHE C 181 7.85 -16.74 13.56
C PHE C 181 7.85 -15.25 13.26
N PHE C 182 7.56 -14.91 12.01
CA PHE C 182 7.63 -13.54 11.55
C PHE C 182 6.26 -13.04 11.15
N THR C 183 5.85 -11.91 11.70
CA THR C 183 4.65 -11.28 11.19
C THR C 183 4.89 -10.87 9.74
N LEU C 184 4.00 -11.33 8.86
CA LEU C 184 4.00 -10.93 7.45
C LEU C 184 3.05 -9.76 7.23
N ARG C 185 3.62 -8.59 6.96
CA ARG C 185 2.82 -7.39 6.73
C ARG C 185 2.25 -7.39 5.31
N ALA C 186 1.17 -6.63 5.09
CA ALA C 186 0.69 -6.47 3.73
C ALA C 186 1.87 -5.92 2.94
N GLY C 187 2.12 -6.45 1.75
CA GLY C 187 3.25 -5.99 0.97
C GLY C 187 4.49 -6.85 1.16
N ASP C 188 4.52 -7.67 2.20
CA ASP C 188 5.60 -8.64 2.31
C ASP C 188 5.49 -9.69 1.19
N ILE C 189 6.62 -10.25 0.80
CA ILE C 189 6.68 -11.27 -0.24
C ILE C 189 7.18 -12.56 0.35
N VAL C 190 6.61 -13.67 -0.13
CA VAL C 190 7.04 -14.99 0.27
C VAL C 190 7.60 -15.70 -0.96
N LEU C 191 8.82 -16.23 -0.85
CA LEU C 191 9.39 -17.04 -1.91
C LEU C 191 9.21 -18.51 -1.56
N THR C 192 8.76 -19.30 -2.52
CA THR C 192 8.30 -20.66 -2.27
C THR C 192 9.32 -21.77 -2.55
N GLY C 193 10.54 -21.40 -2.93
CA GLY C 193 11.60 -22.39 -3.14
C GLY C 193 11.93 -22.62 -4.59
N THR C 194 13.07 -23.24 -4.88
CA THR C 194 13.50 -23.40 -6.26
C THR C 194 13.62 -24.89 -6.63
N PRO C 195 13.26 -25.23 -7.87
CA PRO C 195 13.42 -26.59 -8.38
C PRO C 195 14.88 -26.87 -8.74
N GLN C 196 15.19 -28.05 -9.28
CA GLN C 196 16.58 -28.38 -9.52
C GLN C 196 17.10 -27.57 -10.71
N GLY C 197 18.39 -27.69 -10.99
CA GLY C 197 18.99 -27.00 -12.13
C GLY C 197 19.62 -25.67 -11.76
N VAL C 198 19.75 -25.41 -10.46
CA VAL C 198 20.45 -24.23 -10.00
C VAL C 198 21.86 -24.19 -10.58
N GLY C 199 22.26 -23.03 -11.07
CA GLY C 199 23.57 -22.89 -11.69
C GLY C 199 23.98 -21.43 -11.80
N PRO C 200 25.21 -21.19 -12.32
CA PRO C 200 25.82 -19.86 -12.38
C PRO C 200 25.27 -18.96 -13.50
N MSE C 201 25.34 -17.66 -13.28
CA MSE C 201 25.06 -16.68 -14.32
C MSE C 201 26.24 -15.74 -14.47
O MSE C 201 27.03 -15.57 -13.54
CB MSE C 201 23.84 -15.85 -13.97
CG MSE C 201 22.52 -16.58 -14.12
SE MSE C 201 21.10 -15.33 -13.71
CE MSE C 201 21.75 -14.69 -12.01
N GLN C 202 26.34 -15.09 -15.62
CA GLN C 202 27.45 -14.20 -15.92
C GLN C 202 26.94 -12.96 -16.61
N SER C 203 27.70 -11.87 -16.50
CA SER C 203 27.39 -10.65 -17.22
C SER C 203 27.18 -10.98 -18.68
N GLY C 204 26.18 -10.37 -19.29
CA GLY C 204 25.89 -10.61 -20.69
C GLY C 204 24.88 -11.72 -20.94
N ASP C 205 24.63 -12.56 -19.94
CA ASP C 205 23.64 -13.63 -20.08
C ASP C 205 22.27 -13.06 -20.44
N MSE C 206 21.58 -13.75 -21.35
CA MSE C 206 20.23 -13.38 -21.75
C MSE C 206 19.20 -14.34 -21.11
O MSE C 206 19.29 -15.56 -21.29
CB MSE C 206 20.11 -13.41 -23.28
CG MSE C 206 21.04 -12.44 -24.02
SE MSE C 206 20.50 -10.57 -23.88
CE MSE C 206 22.08 -9.70 -24.65
N LEU C 207 18.24 -13.79 -20.40
CA LEU C 207 17.26 -14.61 -19.67
C LEU C 207 15.87 -14.57 -20.27
N LYS C 208 15.27 -15.74 -20.38
CA LYS C 208 13.85 -15.85 -20.70
C LYS C 208 13.22 -16.62 -19.55
N ILE C 209 12.32 -15.97 -18.85
CA ILE C 209 11.62 -16.60 -17.74
C ILE C 209 10.15 -16.80 -18.10
N MSE C 210 9.62 -17.97 -17.80
CA MSE C 210 8.20 -18.24 -18.01
C MSE C 210 7.52 -18.60 -16.70
O MSE C 210 8.00 -19.45 -15.94
CB MSE C 210 7.96 -19.35 -19.03
CG MSE C 210 8.47 -19.04 -20.45
SE MSE C 210 7.29 -19.78 -21.86
CE MSE C 210 6.72 -21.40 -20.97
N LEU C 211 6.43 -17.90 -16.43
CA LEU C 211 5.53 -18.28 -15.35
C LEU C 211 4.20 -18.67 -15.98
N ASN C 212 3.86 -19.96 -15.91
CA ASN C 212 2.77 -20.47 -16.73
C ASN C 212 2.90 -20.01 -18.17
N GLY C 213 1.91 -19.29 -18.67
CA GLY C 213 1.92 -18.89 -20.07
C GLY C 213 2.52 -17.52 -20.33
N LYS C 214 3.06 -16.91 -19.29
CA LYS C 214 3.59 -15.55 -19.39
C LYS C 214 5.13 -15.52 -19.38
N THR C 215 5.70 -14.67 -20.23
CA THR C 215 7.15 -14.60 -20.41
C THR C 215 7.69 -13.22 -20.05
N VAL C 216 8.84 -13.20 -19.40
CA VAL C 216 9.60 -11.97 -19.18
C VAL C 216 11.03 -12.19 -19.68
N ASN C 217 11.55 -11.22 -20.41
CA ASN C 217 12.91 -11.32 -20.90
C ASN C 217 13.76 -10.30 -20.19
N THR C 218 14.99 -10.65 -19.89
CA THR C 218 15.91 -9.68 -19.32
C THR C 218 17.35 -10.11 -19.61
N ARG C 219 18.30 -9.43 -19.00
CA ARG C 219 19.69 -9.76 -19.20
C ARG C 219 20.51 -9.40 -17.97
N ILE C 220 21.65 -10.04 -17.83
CA ILE C 220 22.56 -9.80 -16.73
C ILE C 220 23.62 -8.75 -17.08
N ILE C 221 23.84 -7.83 -16.12
CA ILE C 221 24.90 -6.82 -16.17
C ILE C 221 24.40 -5.46 -16.66
N MSE D 4 -13.18 19.79 10.70
CA MSE D 4 -14.03 19.46 9.55
C MSE D 4 -14.06 20.63 8.56
O MSE D 4 -14.20 21.77 8.98
CB MSE D 4 -15.44 19.11 9.98
CG MSE D 4 -16.37 18.80 8.82
SE MSE D 4 -15.73 17.34 7.71
CE MSE D 4 -15.95 15.90 9.01
N TYR D 5 -13.92 20.34 7.26
CA TYR D 5 -13.86 21.41 6.27
C TYR D 5 -15.22 22.11 6.13
N GLN D 6 -15.17 23.43 6.11
CA GLN D 6 -16.32 24.26 5.77
C GLN D 6 -15.82 25.34 4.82
N HIS D 7 -16.68 25.79 3.92
CA HIS D 7 -16.35 26.89 3.03
C HIS D 7 -16.13 28.19 3.81
N ARG D 8 -15.13 28.97 3.40
CA ARG D 8 -14.84 30.24 4.05
C ARG D 8 -14.54 31.31 3.01
N ASP D 9 -14.58 32.57 3.41
CA ASP D 9 -14.09 33.60 2.51
C ASP D 9 -12.58 33.67 2.67
N TRP D 10 -11.91 34.50 1.89
CA TRP D 10 -10.44 34.48 1.90
C TRP D 10 -9.90 34.68 3.31
N GLN D 11 -10.56 35.53 4.08
CA GLN D 11 -10.09 35.91 5.41
C GLN D 11 -10.43 34.88 6.48
N GLY D 12 -11.30 33.93 6.15
CA GLY D 12 -11.63 32.87 7.08
C GLY D 12 -13.00 32.84 7.73
N ALA D 13 -13.87 33.78 7.39
CA ALA D 13 -15.26 33.73 7.87
C ALA D 13 -16.10 32.67 7.14
N LEU D 14 -17.03 32.04 7.86
CA LEU D 14 -17.92 31.02 7.31
C LEU D 14 -18.90 31.56 6.25
N LEU D 15 -18.90 30.93 5.08
CA LEU D 15 -19.88 31.24 4.06
C LEU D 15 -21.02 30.26 4.24
N ASP D 16 -22.26 30.67 3.99
CA ASP D 16 -23.32 29.72 4.18
C ASP D 16 -23.60 29.08 2.82
N PHE D 17 -22.95 27.93 2.64
CA PHE D 17 -23.18 27.02 1.54
C PHE D 17 -22.84 25.67 2.11
N PRO D 18 -23.57 24.63 1.70
CA PRO D 18 -23.19 23.29 2.12
C PRO D 18 -21.95 22.82 1.37
N VAL D 19 -21.31 21.78 1.87
CA VAL D 19 -20.20 21.16 1.17
C VAL D 19 -20.68 19.85 0.56
N ASN D 20 -20.36 19.64 -0.71
CA ASN D 20 -20.85 18.43 -1.38
C ASN D 20 -19.82 17.65 -2.21
N LYS D 21 -19.45 18.21 -3.35
CA LYS D 21 -18.48 17.60 -4.25
C LYS D 21 -17.64 18.67 -4.97
N VAL D 22 -16.57 18.22 -5.61
CA VAL D 22 -15.69 19.08 -6.39
C VAL D 22 -15.60 18.51 -7.81
N VAL D 23 -16.02 19.28 -8.83
CA VAL D 23 -15.93 18.77 -10.20
C VAL D 23 -14.71 19.39 -10.88
N CYS D 24 -13.92 18.55 -11.55
CA CYS D 24 -12.58 18.94 -11.97
C CYS D 24 -12.36 18.60 -13.44
N VAL D 25 -11.46 19.34 -14.08
CA VAL D 25 -11.08 19.08 -15.47
C VAL D 25 -9.61 18.67 -15.53
N GLY D 26 -9.30 17.70 -16.39
CA GLY D 26 -7.91 17.36 -16.65
C GLY D 26 -7.35 18.03 -17.92
N SER D 27 -6.03 18.12 -17.99
CA SER D 27 -5.35 18.62 -19.19
C SER D 27 -6.10 19.81 -19.78
N ASN D 28 -6.24 20.87 -18.98
CA ASN D 28 -6.87 22.11 -19.43
C ASN D 28 -5.93 23.27 -19.76
N TYR D 29 -4.62 23.01 -19.69
CA TYR D 29 -3.58 24.00 -20.08
C TYR D 29 -2.59 23.35 -21.04
N ALA D 30 -2.27 24.02 -22.13
CA ALA D 30 -1.42 23.44 -23.17
C ALA D 30 -0.08 22.88 -22.67
N GLU D 31 0.66 23.68 -21.91
CA GLU D 31 1.98 23.25 -21.45
C GLU D 31 1.92 22.04 -20.51
N HIS D 32 0.81 21.89 -19.78
CA HIS D 32 0.63 20.70 -18.95
C HIS D 32 0.18 19.52 -19.80
N GLU D 43 -13.49 17.65 -26.24
CA GLU D 43 -14.30 17.27 -25.08
C GLU D 43 -13.47 17.21 -23.78
N PRO D 44 -13.74 18.15 -22.87
CA PRO D 44 -13.00 18.25 -21.61
C PRO D 44 -12.95 16.91 -20.85
N VAL D 45 -11.78 16.58 -20.31
CA VAL D 45 -11.64 15.43 -19.42
C VAL D 45 -12.15 15.82 -18.03
N LEU D 46 -13.14 15.09 -17.52
CA LEU D 46 -13.78 15.45 -16.26
C LEU D 46 -13.64 14.34 -15.21
N PHE D 47 -13.34 14.75 -13.99
CA PHE D 47 -13.38 13.82 -12.87
C PHE D 47 -13.85 14.59 -11.66
N ILE D 48 -14.02 13.87 -10.55
CA ILE D 48 -14.70 14.43 -9.39
C ILE D 48 -13.97 14.02 -8.13
N LYS D 49 -13.93 14.90 -7.14
CA LYS D 49 -13.39 14.54 -5.83
C LYS D 49 -14.56 14.67 -4.87
N PRO D 50 -14.63 13.76 -3.90
CA PRO D 50 -15.75 13.86 -2.95
C PRO D 50 -15.43 14.83 -1.82
N GLU D 51 -16.42 15.06 -0.97
CA GLU D 51 -16.29 15.98 0.15
C GLU D 51 -15.10 15.61 1.06
N THR D 52 -14.77 14.33 1.16
CA THR D 52 -13.68 13.90 2.04
C THR D 52 -12.29 14.27 1.51
N ALA D 53 -12.22 14.72 0.26
CA ALA D 53 -10.97 15.23 -0.32
C ALA D 53 -10.61 16.61 0.20
N LEU D 54 -11.62 17.38 0.61
CA LEU D 54 -11.45 18.80 0.91
C LEU D 54 -10.81 19.05 2.26
N CYS D 55 -9.94 20.05 2.32
CA CYS D 55 -9.38 20.45 3.59
C CYS D 55 -8.88 21.89 3.50
N ASP D 56 -8.67 22.50 4.66
CA ASP D 56 -8.29 23.91 4.70
C ASP D 56 -6.79 24.05 4.37
N ILE D 57 -6.48 24.75 3.29
CA ILE D 57 -5.09 24.89 2.83
C ILE D 57 -4.20 25.64 3.83
N ARG D 58 -4.81 26.45 4.70
CA ARG D 58 -4.02 27.22 5.68
C ARG D 58 -3.45 26.32 6.78
N GLN D 59 -3.99 25.12 6.94
CA GLN D 59 -3.50 24.18 7.93
C GLN D 59 -2.46 23.25 7.32
N PRO D 60 -1.56 22.70 8.15
CA PRO D 60 -0.57 21.77 7.61
C PRO D 60 -1.26 20.71 6.76
N VAL D 61 -0.64 20.38 5.63
CA VAL D 61 -1.28 19.50 4.66
C VAL D 61 -0.75 18.06 4.72
N SER D 62 -1.67 17.12 4.94
CA SER D 62 -1.33 15.71 5.06
C SER D 62 -1.29 15.06 3.68
N ILE D 63 -0.29 14.22 3.45
CA ILE D 63 -0.24 13.41 2.22
C ILE D 63 -0.03 11.95 2.61
N PRO D 64 -0.56 11.02 1.81
CA PRO D 64 -0.42 9.58 2.08
C PRO D 64 1.00 9.05 1.83
N LYS D 65 1.43 8.04 2.58
CA LYS D 65 2.80 7.52 2.44
C LYS D 65 3.12 6.28 1.55
N ASP D 66 2.12 5.43 1.29
CA ASP D 66 2.32 4.17 0.54
C ASP D 66 1.85 4.12 -0.91
N PHE D 67 1.33 5.23 -1.40
CA PHE D 67 0.67 5.27 -2.69
C PHE D 67 1.56 5.81 -3.82
N GLY D 68 2.84 6.01 -3.49
CA GLY D 68 3.81 6.57 -4.44
C GLY D 68 3.94 8.08 -4.33
N SER D 69 4.56 8.69 -5.33
CA SER D 69 4.76 10.14 -5.30
C SER D 69 3.44 10.91 -5.31
N VAL D 70 3.37 11.94 -4.49
CA VAL D 70 2.25 12.86 -4.50
C VAL D 70 2.66 14.17 -5.15
N HIS D 71 1.91 14.58 -6.16
CA HIS D 71 2.26 15.76 -6.95
C HIS D 71 1.26 16.89 -6.74
N HIS D 72 1.77 18.12 -6.74
CA HIS D 72 0.95 19.32 -6.57
C HIS D 72 0.39 19.77 -7.91
N GLU D 73 -0.88 20.12 -7.95
CA GLU D 73 -1.36 20.82 -9.11
C GLU D 73 -2.14 22.03 -8.66
N ILE D 74 -1.55 23.21 -8.83
CA ILE D 74 -2.22 24.41 -8.39
C ILE D 74 -3.30 24.73 -9.41
N GLU D 75 -4.48 25.15 -8.95
CA GLU D 75 -5.60 25.42 -9.85
C GLU D 75 -6.49 26.50 -9.27
N LEU D 76 -7.15 27.26 -10.15
CA LEU D 76 -8.20 28.19 -9.73
C LEU D 76 -9.44 27.41 -9.37
N ALA D 77 -10.01 27.67 -8.20
CA ALA D 77 -11.23 26.98 -7.78
C ALA D 77 -12.39 27.93 -7.85
N VAL D 78 -13.56 27.41 -8.18
CA VAL D 78 -14.75 28.23 -8.39
C VAL D 78 -15.88 27.72 -7.53
N LEU D 79 -16.44 28.58 -6.68
CA LEU D 79 -17.57 28.18 -5.83
C LEU D 79 -18.90 28.43 -6.54
N ILE D 80 -19.73 27.40 -6.66
CA ILE D 80 -21.05 27.53 -7.25
C ILE D 80 -22.04 27.99 -6.19
N GLY D 81 -22.73 29.09 -6.45
CA GLY D 81 -23.66 29.67 -5.50
C GLY D 81 -25.13 29.42 -5.77
N THR D 82 -25.47 28.95 -6.98
CA THR D 82 -26.82 28.48 -7.27
C THR D 82 -26.76 27.29 -8.21
N PRO D 83 -27.72 26.35 -8.08
CA PRO D 83 -27.66 25.04 -8.77
C PRO D 83 -27.68 25.13 -10.31
N LEU D 84 -26.83 24.32 -10.94
CA LEU D 84 -26.71 24.32 -12.40
C LEU D 84 -26.92 22.92 -12.93
N LYS D 85 -27.89 22.77 -13.83
CA LYS D 85 -28.08 21.52 -14.55
C LYS D 85 -28.34 21.84 -16.02
N GLN D 86 -27.48 21.34 -16.91
CA GLN D 86 -27.65 21.61 -18.34
C GLN D 86 -27.87 23.11 -18.53
N ALA D 87 -27.02 23.90 -17.90
CA ALA D 87 -27.19 25.34 -17.85
C ALA D 87 -26.48 26.02 -19.01
N SER D 88 -27.08 27.09 -19.50
CA SER D 88 -26.49 27.93 -20.54
C SER D 88 -25.32 28.71 -19.95
N GLU D 89 -24.44 29.20 -20.80
CA GLU D 89 -23.30 29.98 -20.33
C GLU D 89 -23.73 31.24 -19.57
N ASP D 90 -24.90 31.76 -19.93
CA ASP D 90 -25.44 32.95 -19.27
C ASP D 90 -25.83 32.62 -17.83
N ARG D 91 -26.53 31.51 -17.65
CA ARG D 91 -26.94 31.05 -16.33
C ARG D 91 -25.71 30.75 -15.49
N VAL D 92 -24.71 30.12 -16.10
CA VAL D 92 -23.48 29.77 -15.39
C VAL D 92 -22.84 31.01 -14.77
N ALA D 93 -22.62 32.04 -15.59
CA ALA D 93 -22.02 33.29 -15.12
C ALA D 93 -22.69 33.88 -13.89
N ARG D 94 -24.01 33.91 -13.90
CA ARG D 94 -24.78 34.42 -12.77
C ARG D 94 -24.65 33.52 -11.54
N ALA D 95 -24.29 32.27 -11.78
CA ALA D 95 -24.28 31.26 -10.73
C ALA D 95 -23.05 31.32 -9.82
N ILE D 96 -21.95 31.86 -10.31
CA ILE D 96 -20.70 31.82 -9.58
C ILE D 96 -20.72 32.73 -8.37
N ALA D 97 -20.43 32.17 -7.19
CA ALA D 97 -20.35 32.97 -5.96
C ALA D 97 -18.96 33.45 -5.56
N GLY D 98 -17.92 32.88 -6.15
CA GLY D 98 -16.59 33.26 -5.74
C GLY D 98 -15.47 32.40 -6.28
N TYR D 99 -14.24 32.82 -6.01
CA TYR D 99 -13.05 32.20 -6.57
C TYR D 99 -12.00 31.97 -5.51
N GLY D 100 -11.23 30.90 -5.65
CA GLY D 100 -10.19 30.58 -4.69
C GLY D 100 -9.08 29.80 -5.37
N VAL D 101 -8.12 29.31 -4.58
CA VAL D 101 -7.06 28.53 -5.15
C VAL D 101 -6.98 27.20 -4.42
N ALA D 102 -6.68 26.14 -5.15
CA ALA D 102 -6.59 24.83 -4.53
C ALA D 102 -5.43 24.05 -5.08
N LEU D 103 -5.08 22.97 -4.40
CA LEU D 103 -4.12 22.03 -4.93
C LEU D 103 -4.89 20.78 -5.30
N ASP D 104 -4.72 20.30 -6.51
CA ASP D 104 -5.37 19.06 -6.89
C ASP D 104 -4.23 18.09 -6.71
N LEU D 105 -4.20 17.43 -5.55
CA LEU D 105 -3.09 16.53 -5.26
C LEU D 105 -3.35 15.24 -6.01
N THR D 106 -2.31 14.70 -6.60
CA THR D 106 -2.47 13.60 -7.54
C THR D 106 -1.44 12.56 -7.22
N LEU D 107 -1.84 11.30 -7.15
CA LEU D 107 -0.84 10.29 -6.98
C LEU D 107 -0.48 9.91 -8.41
N ARG D 108 0.66 10.43 -8.88
CA ARG D 108 0.95 10.41 -10.31
C ARG D 108 1.32 9.02 -10.82
N GLU D 109 2.09 8.28 -10.05
CA GLU D 109 2.55 6.96 -10.50
C GLU D 109 1.39 5.99 -10.50
N LEU D 110 0.54 6.10 -9.47
CA LEU D 110 -0.68 5.29 -9.44
C LEU D 110 -1.49 5.62 -10.67
N GLN D 111 -1.63 6.92 -10.94
CA GLN D 111 -2.44 7.37 -12.06
C GLN D 111 -1.89 6.89 -13.41
N ALA D 112 -0.56 6.94 -13.56
CA ALA D 112 0.08 6.43 -14.77
C ALA D 112 -0.30 4.96 -14.98
N GLY D 113 -0.33 4.18 -13.90
CA GLY D 113 -0.83 2.82 -13.96
C GLY D 113 -2.29 2.71 -14.44
N PHE D 114 -3.19 3.48 -13.84
CA PHE D 114 -4.62 3.46 -14.23
C PHE D 114 -4.85 3.86 -15.69
N LYS D 115 -4.10 4.84 -16.16
CA LYS D 115 -4.25 5.28 -17.54
C LYS D 115 -3.92 4.16 -18.51
N LYS D 116 -2.81 3.47 -18.25
CA LYS D 116 -2.37 2.38 -19.12
C LYS D 116 -3.38 1.22 -19.10
N ALA D 117 -3.91 0.92 -17.92
CA ALA D 117 -4.87 -0.18 -17.81
C ALA D 117 -6.31 0.26 -18.09
N GLY D 118 -6.52 1.54 -18.30
CA GLY D 118 -7.88 2.05 -18.53
C GLY D 118 -8.75 1.94 -17.29
N GLN D 119 -8.14 2.08 -16.12
CA GLN D 119 -8.88 2.07 -14.85
C GLN D 119 -9.34 3.48 -14.44
N PRO D 120 -10.33 3.56 -13.55
CA PRO D 120 -10.78 4.89 -13.12
C PRO D 120 -9.71 5.55 -12.27
N TRP D 121 -9.79 6.87 -12.13
CA TRP D 121 -8.74 7.63 -11.48
C TRP D 121 -8.95 7.88 -9.99
N GLU D 122 -10.11 7.48 -9.48
CA GLU D 122 -10.50 7.87 -8.13
C GLU D 122 -9.43 7.66 -7.08
N LYS D 123 -8.79 6.50 -7.09
CA LYS D 123 -7.75 6.25 -6.09
C LYS D 123 -6.63 7.29 -6.14
N ALA D 124 -6.29 7.72 -7.36
CA ALA D 124 -5.20 8.69 -7.54
C ALA D 124 -5.62 10.17 -7.37
N LYS D 125 -6.88 10.48 -7.69
CA LYS D 125 -7.41 11.84 -7.55
C LYS D 125 -8.37 12.18 -6.40
N ALA D 126 -9.02 11.15 -5.86
CA ALA D 126 -10.11 11.33 -4.89
C ALA D 126 -9.80 11.02 -3.43
N PHE D 127 -8.53 10.68 -3.16
CA PHE D 127 -8.14 10.21 -1.82
C PHE D 127 -8.31 11.30 -0.77
N ASP D 128 -8.42 10.89 0.48
CA ASP D 128 -8.67 11.81 1.58
C ASP D 128 -7.64 12.93 1.55
N GLY D 129 -8.10 14.17 1.66
CA GLY D 129 -7.21 15.32 1.76
C GLY D 129 -6.59 15.74 0.43
N SER D 130 -7.13 15.25 -0.68
CA SER D 130 -6.49 15.50 -1.99
C SER D 130 -6.92 16.83 -2.60
N CYS D 131 -7.73 17.57 -1.86
CA CYS D 131 -8.10 18.93 -2.30
C CYS D 131 -7.93 20.00 -1.23
N PRO D 132 -6.68 20.28 -0.83
CA PRO D 132 -6.43 21.45 0.01
C PRO D 132 -6.96 22.70 -0.72
N ILE D 133 -7.73 23.53 -0.05
CA ILE D 133 -8.31 24.68 -0.73
C ILE D 133 -8.38 25.92 0.16
N SER D 134 -8.24 27.09 -0.44
CA SER D 134 -8.27 28.37 0.26
C SER D 134 -9.71 28.82 0.48
N GLY D 135 -9.87 29.96 1.14
CA GLY D 135 -11.18 30.58 1.20
C GLY D 135 -11.48 31.22 -0.14
N PHE D 136 -12.73 31.64 -0.33
CA PHE D 136 -13.17 32.22 -1.61
C PHE D 136 -13.33 33.74 -1.56
N ILE D 137 -12.90 34.38 -2.62
CA ILE D 137 -13.08 35.81 -2.82
C ILE D 137 -14.34 36.04 -3.63
N PRO D 138 -15.24 36.90 -3.13
CA PRO D 138 -16.46 37.20 -3.88
C PRO D 138 -16.20 37.63 -5.32
N VAL D 139 -17.14 37.33 -6.21
CA VAL D 139 -17.02 37.67 -7.62
C VAL D 139 -16.78 39.16 -7.83
N ALA D 140 -17.48 39.99 -7.05
CA ALA D 140 -17.40 41.44 -7.21
C ALA D 140 -15.99 41.98 -7.01
N GLU D 141 -15.24 41.37 -6.08
CA GLU D 141 -13.91 41.85 -5.74
C GLU D 141 -12.76 41.10 -6.41
N PHE D 142 -13.07 40.04 -7.17
CA PHE D 142 -12.01 39.23 -7.76
C PHE D 142 -11.45 39.78 -9.08
N GLY D 143 -12.20 40.63 -9.75
CA GLY D 143 -11.81 41.09 -11.07
C GLY D 143 -11.98 39.98 -12.09
N ASP D 144 -11.10 39.95 -13.08
CA ASP D 144 -11.28 39.06 -14.24
C ASP D 144 -10.70 37.68 -13.98
N ALA D 145 -11.58 36.69 -13.89
CA ALA D 145 -11.21 35.36 -13.45
C ALA D 145 -10.50 34.57 -14.56
N GLN D 146 -10.62 35.08 -15.78
CA GLN D 146 -9.95 34.46 -16.93
C GLN D 146 -8.56 35.08 -17.11
N GLN D 147 -8.27 36.09 -16.30
CA GLN D 147 -6.94 36.69 -16.17
C GLN D 147 -6.10 36.42 -14.92
N ALA D 148 -6.57 35.52 -14.06
CA ALA D 148 -5.97 35.33 -12.74
C ALA D 148 -4.59 34.67 -12.72
N ASP D 149 -3.66 35.28 -11.98
CA ASP D 149 -2.34 34.70 -11.78
C ASP D 149 -2.35 33.63 -10.69
N LEU D 150 -1.71 32.50 -10.96
CA LEU D 150 -1.60 31.42 -9.99
C LEU D 150 -0.14 31.13 -9.79
N SER D 151 0.25 30.94 -8.55
CA SER D 151 1.65 30.74 -8.25
C SER D 151 1.87 29.78 -7.09
N LEU D 152 2.83 28.87 -7.26
CA LEU D 152 3.21 27.96 -6.20
C LEU D 152 4.73 27.92 -6.03
N THR D 153 5.19 28.32 -4.85
CA THR D 153 6.60 28.23 -4.50
C THR D 153 6.83 27.18 -3.43
N ILE D 154 7.77 26.28 -3.68
CA ILE D 154 8.13 25.27 -2.68
C ILE D 154 9.58 25.44 -2.23
N ASN D 155 9.78 25.61 -0.93
CA ASN D 155 11.10 25.78 -0.35
C ASN D 155 11.89 26.86 -1.10
N GLY D 156 11.23 27.98 -1.39
CA GLY D 156 11.89 29.12 -2.00
C GLY D 156 11.95 29.10 -3.52
N GLU D 157 11.67 27.95 -4.13
CA GLU D 157 11.82 27.80 -5.57
C GLU D 157 10.45 27.76 -6.24
N ILE D 158 10.28 28.59 -7.25
CA ILE D 158 9.02 28.61 -7.96
C ILE D 158 8.85 27.33 -8.77
N ARG D 159 7.74 26.64 -8.53
CA ARG D 159 7.43 25.35 -9.14
C ARG D 159 6.39 25.49 -10.25
N GLN D 160 5.26 26.12 -9.93
CA GLN D 160 4.29 26.47 -10.95
C GLN D 160 4.07 27.97 -10.93
N GLN D 161 4.02 28.56 -12.12
CA GLN D 161 3.60 29.94 -12.28
C GLN D 161 2.81 30.03 -13.58
N GLY D 162 1.55 30.43 -13.50
CA GLY D 162 0.74 30.49 -14.69
C GLY D 162 -0.38 31.49 -14.53
N ASN D 163 -1.25 31.55 -15.53
CA ASN D 163 -2.37 32.48 -15.55
C ASN D 163 -3.52 31.78 -16.22
N THR D 164 -4.73 32.01 -15.71
CA THR D 164 -5.91 31.33 -16.24
C THR D 164 -6.24 31.71 -17.69
N ARG D 165 -5.58 32.72 -18.24
CA ARG D 165 -5.85 33.08 -19.64
C ARG D 165 -5.45 31.91 -20.52
N ASP D 166 -4.66 30.99 -19.98
CA ASP D 166 -4.14 29.90 -20.79
C ASP D 166 -4.99 28.64 -20.73
N MSE D 167 -6.12 28.73 -20.04
CA MSE D 167 -7.08 27.63 -20.03
C MSE D 167 -7.55 27.28 -21.44
O MSE D 167 -8.02 28.14 -22.19
CB MSE D 167 -8.30 28.01 -19.18
CG MSE D 167 -8.07 27.92 -17.68
SE MSE D 167 -9.80 28.22 -16.85
CE MSE D 167 -9.22 28.91 -15.13
N ILE D 168 -7.42 26.01 -21.79
CA ILE D 168 -7.91 25.50 -23.06
C ILE D 168 -9.43 25.69 -23.18
N THR D 169 -10.20 25.23 -22.20
CA THR D 169 -11.62 25.55 -22.16
C THR D 169 -11.86 26.55 -21.03
N PRO D 170 -12.38 27.74 -21.36
CA PRO D 170 -12.54 28.80 -20.37
C PRO D 170 -13.58 28.45 -19.31
N ILE D 171 -13.55 29.18 -18.19
CA ILE D 171 -14.36 28.87 -17.02
C ILE D 171 -15.84 28.66 -17.33
N ILE D 172 -16.45 29.65 -17.96
CA ILE D 172 -17.90 29.62 -18.20
C ILE D 172 -18.34 28.44 -19.07
N PRO D 173 -17.78 28.32 -20.29
CA PRO D 173 -18.11 27.14 -21.09
C PRO D 173 -17.74 25.83 -20.40
N LEU D 174 -16.64 25.82 -19.65
CA LEU D 174 -16.26 24.62 -18.91
C LEU D 174 -17.36 24.19 -17.97
N ILE D 175 -17.83 25.14 -17.16
CA ILE D 175 -18.85 24.83 -16.17
C ILE D 175 -20.18 24.46 -16.82
N SER D 176 -20.46 25.07 -17.97
CA SER D 176 -21.68 24.76 -18.71
C SER D 176 -21.63 23.31 -19.17
N TYR D 177 -20.50 22.91 -19.74
CA TYR D 177 -20.29 21.52 -20.17
C TYR D 177 -20.45 20.53 -19.03
N MSE D 178 -19.77 20.78 -17.92
CA MSE D 178 -19.89 19.91 -16.74
C MSE D 178 -21.33 19.63 -16.33
O MSE D 178 -21.67 18.50 -15.96
CB MSE D 178 -19.16 20.53 -15.56
CG MSE D 178 -17.66 20.49 -15.66
SE MSE D 178 -16.84 21.63 -14.29
CE MSE D 178 -15.00 20.99 -14.47
N SER D 179 -22.17 20.67 -16.38
CA SER D 179 -23.55 20.58 -15.90
C SER D 179 -24.41 19.74 -16.84
N ARG D 180 -23.89 19.38 -18.01
CA ARG D 180 -24.63 18.48 -18.89
C ARG D 180 -24.60 17.06 -18.31
N PHE D 181 -23.58 16.79 -17.52
CA PHE D 181 -23.36 15.48 -16.92
C PHE D 181 -23.76 15.46 -15.47
N PHE D 182 -23.18 16.36 -14.67
CA PHE D 182 -23.45 16.36 -13.25
C PHE D 182 -24.14 17.63 -12.79
N THR D 183 -25.25 17.50 -12.07
CA THR D 183 -25.85 18.67 -11.43
C THR D 183 -24.86 19.28 -10.44
N LEU D 184 -24.64 20.58 -10.55
CA LEU D 184 -23.76 21.30 -9.63
C LEU D 184 -24.61 22.05 -8.61
N ARG D 185 -24.63 21.55 -7.37
CA ARG D 185 -25.41 22.18 -6.34
C ARG D 185 -24.70 23.44 -5.87
N ALA D 186 -25.46 24.37 -5.29
CA ALA D 186 -24.87 25.47 -4.56
C ALA D 186 -23.96 24.87 -3.50
N GLY D 187 -22.73 25.33 -3.40
CA GLY D 187 -21.78 24.74 -2.48
C GLY D 187 -20.79 23.80 -3.17
N ASP D 188 -21.13 23.35 -4.36
CA ASP D 188 -20.17 22.60 -5.16
C ASP D 188 -19.01 23.49 -5.61
N ILE D 189 -17.85 22.88 -5.79
CA ILE D 189 -16.67 23.59 -6.20
C ILE D 189 -16.24 23.03 -7.56
N VAL D 190 -15.72 23.89 -8.41
CA VAL D 190 -15.17 23.47 -9.70
C VAL D 190 -13.69 23.83 -9.74
N LEU D 191 -12.87 22.85 -10.13
CA LEU D 191 -11.44 23.06 -10.30
C LEU D 191 -11.14 23.18 -11.81
N THR D 192 -10.32 24.16 -12.17
CA THR D 192 -10.17 24.56 -13.58
C THR D 192 -8.96 24.06 -14.35
N GLY D 193 -8.14 23.22 -13.73
CA GLY D 193 -6.97 22.69 -14.39
C GLY D 193 -5.72 23.33 -13.84
N THR D 194 -4.57 22.75 -14.15
CA THR D 194 -3.32 23.23 -13.61
C THR D 194 -2.38 23.58 -14.75
N PRO D 195 -1.59 24.66 -14.59
CA PRO D 195 -0.57 24.98 -15.59
C PRO D 195 0.62 24.03 -15.46
N GLN D 196 1.66 24.25 -16.26
CA GLN D 196 2.82 23.36 -16.24
C GLN D 196 3.62 23.47 -14.95
N GLY D 197 4.46 22.48 -14.70
CA GLY D 197 5.35 22.52 -13.57
C GLY D 197 4.91 21.58 -12.47
N VAL D 198 3.93 20.74 -12.77
CA VAL D 198 3.48 19.75 -11.79
C VAL D 198 4.67 18.89 -11.34
N GLY D 199 4.76 18.60 -10.05
CA GLY D 199 5.90 17.87 -9.54
C GLY D 199 5.62 17.28 -8.18
N PRO D 200 6.55 16.47 -7.64
CA PRO D 200 6.35 15.78 -6.36
C PRO D 200 6.50 16.70 -5.15
N MSE D 201 5.83 16.35 -4.07
CA MSE D 201 5.98 17.05 -2.81
C MSE D 201 6.39 16.05 -1.76
O MSE D 201 6.11 14.86 -1.90
CB MSE D 201 4.66 17.69 -2.40
CG MSE D 201 4.35 18.98 -3.11
SE MSE D 201 2.74 19.74 -2.35
CE MSE D 201 1.74 18.10 -2.08
N GLN D 202 7.05 16.51 -0.70
CA GLN D 202 7.36 15.60 0.40
C GLN D 202 7.19 16.25 1.77
N SER D 203 7.14 15.43 2.81
CA SER D 203 7.02 15.95 4.18
C SER D 203 8.12 16.95 4.47
N GLY D 204 7.73 18.07 5.09
CA GLY D 204 8.67 19.12 5.41
C GLY D 204 8.64 20.26 4.39
N ASP D 205 8.12 19.98 3.20
CA ASP D 205 8.07 21.01 2.17
C ASP D 205 7.31 22.23 2.65
N MSE D 206 7.89 23.41 2.42
CA MSE D 206 7.27 24.67 2.79
C MSE D 206 6.63 25.28 1.55
O MSE D 206 7.30 25.51 0.55
CB MSE D 206 8.30 25.62 3.38
CG MSE D 206 9.00 25.08 4.62
SE MSE D 206 7.83 24.88 6.17
CE MSE D 206 7.14 26.69 6.30
N LEU D 207 5.34 25.57 1.64
CA LEU D 207 4.59 26.03 0.48
C LEU D 207 4.14 27.46 0.61
N LYS D 208 4.40 28.24 -0.44
CA LYS D 208 3.82 29.56 -0.57
C LYS D 208 2.93 29.60 -1.82
N ILE D 209 1.66 29.90 -1.63
CA ILE D 209 0.69 29.90 -2.73
C ILE D 209 0.18 31.32 -2.97
N MSE D 210 0.10 31.72 -4.23
CA MSE D 210 -0.43 33.04 -4.57
C MSE D 210 -1.58 32.99 -5.58
O MSE D 210 -1.53 32.26 -6.58
CB MSE D 210 0.68 33.95 -5.11
CG MSE D 210 1.92 34.01 -4.21
SE MSE D 210 3.15 35.49 -4.65
CE MSE D 210 2.03 36.94 -4.02
N LEU D 211 -2.62 33.75 -5.29
CA LEU D 211 -3.71 33.96 -6.22
C LEU D 211 -3.78 35.46 -6.43
N ASN D 212 -3.42 35.92 -7.63
CA ASN D 212 -3.36 37.34 -7.93
C ASN D 212 -2.63 38.09 -6.82
N GLY D 213 -1.51 37.55 -6.35
CA GLY D 213 -0.75 38.24 -5.33
C GLY D 213 -1.23 38.06 -3.91
N LYS D 214 -2.46 37.57 -3.74
CA LYS D 214 -2.90 37.19 -2.40
C LYS D 214 -2.13 35.93 -2.00
N THR D 215 -1.46 35.99 -0.85
CA THR D 215 -0.55 34.93 -0.46
C THR D 215 -1.06 34.11 0.71
N VAL D 216 -0.99 32.79 0.58
CA VAL D 216 -1.21 31.90 1.72
C VAL D 216 0.01 30.97 1.86
N ASN D 217 0.43 30.71 3.08
CA ASN D 217 1.55 29.80 3.31
C ASN D 217 1.10 28.55 4.05
N THR D 218 1.72 27.44 3.73
CA THR D 218 1.44 26.19 4.44
C THR D 218 2.65 25.24 4.36
N ARG D 219 2.49 24.02 4.84
CA ARG D 219 3.57 23.05 4.81
C ARG D 219 3.03 21.65 4.74
N ILE D 220 3.88 20.72 4.33
CA ILE D 220 3.47 19.33 4.15
C ILE D 220 3.85 18.47 5.35
N ILE D 221 2.89 17.68 5.82
CA ILE D 221 3.01 16.74 6.93
C ILE D 221 2.33 17.25 8.20
S SO4 E . -17.26 -2.60 -14.60
O1 SO4 E . -18.22 -2.88 -15.67
O2 SO4 E . -17.72 -1.48 -13.81
O3 SO4 E . -17.09 -3.75 -13.73
O4 SO4 E . -15.98 -2.24 -15.25
S SO4 F . -41.36 -7.50 -0.19
O1 SO4 F . -42.03 -8.49 -1.02
O2 SO4 F . -42.32 -6.80 0.65
O3 SO4 F . -40.39 -8.20 0.65
O4 SO4 F . -40.70 -6.52 -1.06
S SO4 G . 25.74 -14.96 18.59
O1 SO4 G . 26.33 -16.10 17.91
O2 SO4 G . 24.70 -14.37 17.75
O3 SO4 G . 25.16 -15.36 19.86
O4 SO4 G . 26.76 -13.94 18.83
S SO4 H . 18.63 -23.68 -0.67
O1 SO4 H . 17.47 -24.58 -0.71
O2 SO4 H . 18.20 -22.29 -0.50
O3 SO4 H . 19.51 -24.11 0.41
O4 SO4 H . 19.33 -23.75 -1.96
S SO4 I . -4.23 15.63 -15.01
O1 SO4 I . -4.63 14.56 -15.93
O2 SO4 I . -5.33 16.01 -14.13
O3 SO4 I . -3.11 15.19 -14.19
O4 SO4 I . -3.87 16.80 -15.81
CL CL J . -6.24 39.65 2.93
#